data_6I1F
#
_entry.id   6I1F
#
_cell.length_a   106.226
_cell.length_b   106.226
_cell.length_c   118.554
_cell.angle_alpha   90.00
_cell.angle_beta   90.00
_cell.angle_gamma   120.00
#
_symmetry.space_group_name_H-M   'P 32 2 1'
#
loop_
_entity.id
_entity.type
_entity.pdbx_description
1 polymer 'Penicillin-binding protein,Penicillin-binding protein'
2 non-polymer '2-{1-[2-AMINO-2-(4-HYDROXY-PHENYL)-ACETYLAMINO]-2-OXO-ETHYL}-5,5-DIMETHYL-THIAZOLIDINE-4-CARBOXYLIC ACID'
3 water water
#
_entity_poly.entity_id   1
_entity_poly.type   'polypeptide(L)'
_entity_poly.pdbx_seq_one_letter_code
;GPGYQDPLTINADLQRVAEESLNAAVKRVGGVWGSAAVLEIGTGRLLALAPGGTRSVSAIYEPGSVGKLVTLAAAIDQKK
VTPTSTFTVSSTRDMPNGERISDDSPHETQDMTVAGIIAHSYNTGTVQIGDTVSDSVRYEYMQKFGWGAKTGITLPSEES
GILRPHTEWGDRDHYTTMFGQGVAVTTIQLAQMVAVFGQKGVLIPPRIIDGYDDENGVYTPTVMGESRQVVSEDTAQTVL
NIMQGATQPGGTAEGIGAVKGYNVAAKTGTAENVGSSGSLTDTAATFTALIPAENPKIAVAVVIYKENGTVYGSTASAPV
FVDIAQFAMREMKIPPSTVPLYKYPW
;
_entity_poly.pdbx_strand_id   A,B
#
# COMPACT_ATOMS: atom_id res chain seq x y z
N TYR A 4 -16.98 -5.37 17.69
CA TYR A 4 -15.88 -5.09 16.75
C TYR A 4 -14.86 -6.23 16.59
N GLN A 5 -14.70 -6.67 15.35
CA GLN A 5 -13.63 -7.57 14.94
C GLN A 5 -12.69 -6.84 14.00
N ASP A 6 -11.38 -7.05 14.16
CA ASP A 6 -10.42 -6.44 13.25
C ASP A 6 -10.49 -7.16 11.91
N PRO A 7 -10.94 -6.44 10.86
CA PRO A 7 -11.21 -7.05 9.58
C PRO A 7 -9.97 -7.28 8.71
N LEU A 8 -8.87 -6.61 9.05
CA LEU A 8 -7.61 -6.76 8.32
C LEU A 8 -6.74 -7.90 8.83
N THR A 9 -5.85 -8.38 7.98
CA THR A 9 -5.05 -9.59 8.26
C THR A 9 -3.72 -9.32 8.95
N ILE A 10 -3.30 -8.06 8.93
CA ILE A 10 -2.02 -7.65 9.47
C ILE A 10 -1.86 -8.00 10.96
N ASN A 11 -0.74 -8.62 11.30
CA ASN A 11 -0.33 -8.75 12.70
C ASN A 11 0.51 -7.53 13.09
N ALA A 12 -0.02 -6.76 14.04
CA ALA A 12 0.57 -5.47 14.46
C ALA A 12 2.01 -5.59 14.95
N ASP A 13 2.28 -6.59 15.77
CA ASP A 13 3.62 -6.82 16.28
C ASP A 13 4.59 -7.30 15.21
N LEU A 14 4.13 -8.23 14.38
CA LEU A 14 4.96 -8.69 13.28
C LEU A 14 5.25 -7.55 12.32
N GLN A 15 4.24 -6.73 12.02
CA GLN A 15 4.43 -5.55 11.18
C GLN A 15 5.52 -4.62 11.75
N ARG A 16 5.54 -4.47 13.07
CA ARG A 16 6.54 -3.63 13.71
C ARG A 16 7.95 -4.20 13.57
N VAL A 17 8.09 -5.50 13.79
CA VAL A 17 9.35 -6.18 13.59
C VAL A 17 9.78 -6.03 12.13
N ALA A 18 8.86 -6.27 11.21
CA ALA A 18 9.18 -6.14 9.80
C ALA A 18 9.75 -4.76 9.44
N GLU A 19 9.06 -3.68 9.82
CA GLU A 19 9.48 -2.31 9.52
C GLU A 19 10.83 -1.96 10.14
N GLU A 20 10.98 -2.30 11.41
CA GLU A 20 12.19 -2.08 12.16
C GLU A 20 13.39 -2.74 11.48
N SER A 21 13.30 -4.04 11.19
CA SER A 21 14.42 -4.78 10.58
C SER A 21 14.75 -4.25 9.20
N LEU A 22 13.72 -4.07 8.40
CA LEU A 22 13.86 -3.56 7.06
C LEU A 22 14.52 -2.17 7.03
N ASN A 23 14.07 -1.25 7.88
CA ASN A 23 14.65 0.09 7.90
C ASN A 23 16.10 0.01 8.25
N ALA A 24 16.41 -0.78 9.27
CA ALA A 24 17.78 -0.93 9.76
C ALA A 24 18.71 -1.51 8.70
N ALA A 25 18.20 -2.48 7.94
CA ALA A 25 18.98 -3.12 6.90
C ALA A 25 19.22 -2.22 5.70
N VAL A 26 18.22 -1.45 5.31
CA VAL A 26 18.34 -0.51 4.21
C VAL A 26 19.44 0.50 4.56
N LYS A 27 19.46 0.97 5.81
CA LYS A 27 20.53 1.85 6.28
C LYS A 27 21.87 1.17 6.44
N ARG A 28 21.88 -0.04 7.01
CA ARG A 28 23.13 -0.75 7.27
C ARG A 28 23.92 -0.93 5.99
N VAL A 29 23.19 -1.10 4.90
CA VAL A 29 23.70 -1.53 3.62
C VAL A 29 23.82 -0.30 2.69
N GLY A 30 23.28 0.83 3.12
CA GLY A 30 23.30 2.04 2.33
C GLY A 30 22.39 1.97 1.12
N GLY A 31 21.30 1.22 1.24
CA GLY A 31 20.29 1.13 0.19
C GLY A 31 19.47 2.38 0.11
N VAL A 32 18.61 2.46 -0.91
CA VAL A 32 17.65 3.54 -1.10
C VAL A 32 16.30 3.17 -0.48
N TRP A 33 15.84 1.94 -0.71
CA TRP A 33 14.57 1.46 -0.16
C TRP A 33 14.58 -0.03 -0.06
N GLY A 34 13.57 -0.55 0.60
CA GLY A 34 13.41 -1.98 0.77
C GLY A 34 11.94 -2.29 0.81
N SER A 35 11.62 -3.58 0.81
CA SER A 35 10.26 -4.06 0.94
C SER A 35 10.22 -5.49 1.50
N ALA A 36 9.14 -5.85 2.18
CA ALA A 36 8.98 -7.18 2.71
C ALA A 36 7.50 -7.52 2.79
N ALA A 37 7.18 -8.77 2.50
CA ALA A 37 5.80 -9.27 2.53
C ALA A 37 5.80 -10.60 3.28
N VAL A 38 4.83 -10.79 4.17
CA VAL A 38 4.73 -12.05 4.91
C VAL A 38 3.35 -12.62 4.67
N LEU A 39 3.29 -13.84 4.12
CA LEU A 39 2.03 -14.47 3.85
C LEU A 39 1.85 -15.64 4.76
N GLU A 40 0.65 -15.84 5.26
CA GLU A 40 0.34 -17.03 6.00
C GLU A 40 0.06 -18.14 4.99
N ILE A 41 0.74 -19.26 5.15
CA ILE A 41 0.57 -20.37 4.21
C ILE A 41 -0.81 -21.02 4.25
N GLY A 42 -1.40 -21.25 3.07
CA GLY A 42 -2.65 -21.95 2.99
C GLY A 42 -3.85 -21.02 2.96
N THR A 43 -3.67 -19.77 3.34
CA THR A 43 -4.82 -18.88 3.48
C THR A 43 -4.66 -17.66 2.60
N GLY A 44 -3.44 -17.35 2.19
CA GLY A 44 -3.20 -16.13 1.43
C GLY A 44 -3.28 -14.86 2.25
N ARG A 45 -3.37 -15.01 3.57
CA ARG A 45 -3.54 -13.88 4.48
C ARG A 45 -2.20 -13.17 4.68
N LEU A 46 -2.22 -11.87 4.49
CA LEU A 46 -1.02 -11.05 4.55
C LEU A 46 -0.76 -10.59 6.00
N LEU A 47 0.21 -11.22 6.65
CA LEU A 47 0.53 -10.95 8.06
C LEU A 47 1.32 -9.67 8.31
N ALA A 48 2.11 -9.25 7.32
CA ALA A 48 2.92 -8.07 7.44
C ALA A 48 3.29 -7.61 6.06
N LEU A 49 3.41 -6.29 5.90
CA LEU A 49 3.73 -5.67 4.64
C LEU A 49 4.46 -4.37 4.91
N ALA A 50 5.76 -4.38 4.67
CA ALA A 50 6.60 -3.21 4.93
C ALA A 50 7.18 -2.72 3.62
N PRO A 51 7.35 -1.40 3.45
CA PRO A 51 6.99 -0.33 4.39
C PRO A 51 5.49 0.02 4.37
N GLY A 52 5.11 1.10 5.05
CA GLY A 52 3.71 1.50 5.16
C GLY A 52 3.08 2.08 3.89
N GLY A 53 3.92 2.37 2.91
CA GLY A 53 3.42 2.82 1.60
C GLY A 53 2.70 1.73 0.81
N THR A 54 2.70 1.89 -0.51
CA THR A 54 2.23 0.85 -1.41
C THR A 54 3.42 0.34 -2.21
N ARG A 55 4.62 0.60 -1.68
CA ARG A 55 5.89 0.25 -2.29
C ARG A 55 5.99 -1.26 -2.50
N SER A 56 5.57 -2.05 -1.52
CA SER A 56 5.61 -3.50 -1.66
C SER A 56 4.67 -4.05 -2.74
N VAL A 57 3.89 -3.15 -3.33
CA VAL A 57 2.78 -3.47 -4.20
C VAL A 57 2.98 -2.76 -5.55
N SER A 58 3.68 -1.62 -5.53
CA SER A 58 3.87 -0.80 -6.72
C SER A 58 5.31 -0.73 -7.24
N ALA A 59 6.29 -0.98 -6.38
CA ALA A 59 7.67 -1.02 -6.86
C ALA A 59 7.93 -2.31 -7.65
N ILE A 60 8.48 -2.16 -8.85
CA ILE A 60 8.87 -3.30 -9.67
C ILE A 60 10.37 -3.29 -9.84
N TYR A 61 10.97 -4.47 -9.86
CA TYR A 61 12.40 -4.59 -10.04
C TYR A 61 12.69 -5.98 -10.60
N GLU A 62 13.88 -6.15 -11.16
CA GLU A 62 14.36 -7.47 -11.54
C GLU A 62 14.80 -8.20 -10.28
N PRO A 63 14.16 -9.36 -9.99
CA PRO A 63 14.33 -10.08 -8.73
C PRO A 63 15.59 -10.94 -8.63
N GLY A 64 16.21 -11.26 -9.77
CA GLY A 64 17.38 -12.12 -9.79
C GLY A 64 17.06 -13.55 -9.42
N SER A 65 18.00 -14.23 -8.77
CA SER A 65 17.99 -15.70 -8.67
C SER A 65 16.87 -16.36 -7.90
N VAL A 66 16.09 -15.58 -7.16
CA VAL A 66 14.87 -16.11 -6.61
C VAL A 66 14.00 -16.63 -7.76
N GLY A 67 14.11 -16.02 -8.93
CA GLY A 67 13.44 -16.50 -10.14
C GLY A 67 13.89 -17.87 -10.65
N LYS A 68 15.03 -18.35 -10.19
CA LYS A 68 15.45 -19.72 -10.50
C LYS A 68 14.46 -20.78 -9.99
N LEU A 69 13.62 -20.43 -9.01
CA LEU A 69 12.66 -21.39 -8.49
C LEU A 69 11.60 -21.77 -9.53
N VAL A 70 11.25 -20.80 -10.37
CA VAL A 70 10.30 -21.00 -11.45
C VAL A 70 10.95 -21.91 -12.50
N THR A 71 12.21 -21.61 -12.85
CA THR A 71 12.95 -22.40 -13.82
C THR A 71 13.09 -23.85 -13.35
N LEU A 72 13.43 -24.02 -12.08
CA LEU A 72 13.59 -25.31 -11.43
C LEU A 72 12.29 -26.09 -11.39
N ALA A 73 11.21 -25.41 -11.02
CA ALA A 73 9.90 -26.03 -10.90
C ALA A 73 9.36 -26.46 -12.27
N ALA A 74 9.58 -25.63 -13.30
CA ALA A 74 9.25 -26.00 -14.69
C ALA A 74 9.95 -27.29 -15.15
N ALA A 75 11.28 -27.35 -14.97
CA ALA A 75 12.08 -28.53 -15.37
C ALA A 75 11.71 -29.79 -14.59
N ILE A 76 11.43 -29.64 -13.30
CA ILE A 76 10.99 -30.76 -12.46
C ILE A 76 9.55 -31.16 -12.81
N ASP A 77 8.68 -30.19 -12.99
CA ASP A 77 7.28 -30.49 -13.23
C ASP A 77 7.10 -31.16 -14.59
N GLN A 78 7.98 -30.82 -15.53
CA GLN A 78 7.94 -31.41 -16.85
C GLN A 78 8.74 -32.70 -16.87
N LYS A 79 9.28 -33.09 -15.72
CA LYS A 79 9.96 -34.37 -15.55
C LYS A 79 11.22 -34.46 -16.41
N LYS A 80 11.97 -33.37 -16.48
CA LYS A 80 13.16 -33.29 -17.30
C LYS A 80 14.42 -33.49 -16.51
N VAL A 81 14.37 -33.19 -15.22
CA VAL A 81 15.50 -33.35 -14.32
C VAL A 81 14.95 -33.82 -12.97
N THR A 82 15.78 -34.51 -12.19
CA THR A 82 15.45 -34.82 -10.82
C THR A 82 16.43 -34.06 -9.93
N PRO A 83 16.20 -34.05 -8.59
CA PRO A 83 17.14 -33.34 -7.71
C PRO A 83 18.56 -33.88 -7.77
N THR A 84 18.72 -35.13 -8.21
CA THR A 84 20.02 -35.77 -8.27
C THR A 84 20.63 -35.89 -9.67
N SER A 85 19.98 -35.27 -10.66
CA SER A 85 20.56 -35.13 -11.99
C SER A 85 21.78 -34.27 -11.87
N THR A 86 22.88 -34.67 -12.50
CA THR A 86 24.11 -33.88 -12.40
C THR A 86 24.43 -33.09 -13.67
N PHE A 87 24.99 -31.91 -13.47
CA PHE A 87 25.48 -31.05 -14.56
C PHE A 87 26.83 -30.53 -14.15
N THR A 88 27.61 -30.09 -15.13
CA THR A 88 28.93 -29.54 -14.90
C THR A 88 28.78 -28.05 -14.64
N VAL A 89 29.41 -27.61 -13.56
CA VAL A 89 29.49 -26.19 -13.26
C VAL A 89 30.94 -25.69 -13.42
N SER A 90 31.06 -24.48 -13.94
CA SER A 90 32.34 -23.90 -14.26
C SER A 90 32.18 -22.41 -14.11
N SER A 91 33.30 -21.70 -14.11
CA SER A 91 33.29 -20.24 -14.00
C SER A 91 32.47 -19.56 -15.09
N THR A 92 32.62 -20.03 -16.33
CA THR A 92 31.80 -19.59 -17.46
C THR A 92 31.40 -20.80 -18.29
N ARG A 93 30.36 -20.63 -19.10
CA ARG A 93 29.88 -21.69 -19.96
C ARG A 93 29.36 -21.07 -21.24
N ASP A 94 29.81 -21.61 -22.36
CA ASP A 94 29.41 -21.09 -23.66
C ASP A 94 28.25 -21.91 -24.18
N MET A 95 27.19 -21.23 -24.55
CA MET A 95 25.93 -21.89 -24.81
C MET A 95 25.74 -22.17 -26.29
N PRO A 96 24.91 -23.18 -26.64
CA PRO A 96 24.60 -23.40 -28.05
C PRO A 96 24.33 -22.12 -28.84
N ASN A 97 23.62 -21.15 -28.26
CA ASN A 97 23.23 -19.97 -29.03
C ASN A 97 24.28 -18.87 -29.11
N GLY A 98 25.46 -19.14 -28.55
CA GLY A 98 26.54 -18.15 -28.57
C GLY A 98 26.67 -17.27 -27.34
N GLU A 99 25.76 -17.43 -26.39
CA GLU A 99 25.81 -16.67 -25.15
C GLU A 99 26.86 -17.25 -24.23
N ARG A 100 27.48 -16.37 -23.46
CA ARG A 100 28.41 -16.83 -22.45
C ARG A 100 27.75 -16.57 -21.11
N ILE A 101 27.60 -17.62 -20.33
CA ILE A 101 27.03 -17.51 -18.99
C ILE A 101 28.15 -17.66 -17.99
N SER A 102 28.14 -16.84 -16.95
CA SER A 102 29.18 -16.91 -15.94
C SER A 102 28.59 -16.97 -14.54
N ASP A 103 29.30 -17.67 -13.64
CA ASP A 103 28.92 -17.71 -12.22
C ASP A 103 29.42 -16.47 -11.49
N ASP A 104 28.84 -16.20 -10.32
CA ASP A 104 29.09 -14.95 -9.57
C ASP A 104 30.59 -14.66 -9.46
N SER A 105 31.34 -15.73 -9.27
CA SER A 105 32.74 -15.71 -8.93
C SER A 105 33.37 -16.94 -9.55
N PRO A 106 34.60 -16.82 -10.06
CA PRO A 106 35.24 -18.02 -10.61
C PRO A 106 35.47 -19.08 -9.53
N HIS A 107 35.44 -20.35 -9.92
CA HIS A 107 35.57 -21.48 -8.99
C HIS A 107 36.01 -22.69 -9.75
N GLU A 108 36.44 -23.73 -9.05
CA GLU A 108 36.87 -24.94 -9.74
C GLU A 108 35.71 -25.63 -10.48
N THR A 109 35.96 -26.06 -11.71
CA THR A 109 34.99 -26.83 -12.47
C THR A 109 34.70 -28.13 -11.75
N GLN A 110 33.42 -28.48 -11.68
CA GLN A 110 33.02 -29.75 -11.08
C GLN A 110 31.65 -30.16 -11.54
N ASP A 111 31.34 -31.43 -11.30
CA ASP A 111 30.00 -31.93 -11.48
C ASP A 111 29.20 -31.82 -10.19
N MET A 112 27.92 -31.51 -10.32
CA MET A 112 27.07 -31.28 -9.17
C MET A 112 25.63 -31.63 -9.50
N THR A 113 24.90 -32.06 -8.48
CA THR A 113 23.47 -32.29 -8.64
C THR A 113 22.71 -30.98 -8.79
N VAL A 114 21.51 -31.10 -9.34
CA VAL A 114 20.54 -30.02 -9.42
C VAL A 114 20.35 -29.39 -8.03
N ALA A 115 20.18 -30.24 -7.01
CA ALA A 115 20.04 -29.76 -5.65
C ALA A 115 21.16 -28.83 -5.22
N GLY A 116 22.41 -29.24 -5.43
CA GLY A 116 23.56 -28.43 -5.05
C GLY A 116 23.73 -27.20 -5.92
N ILE A 117 23.40 -27.34 -7.20
CA ILE A 117 23.46 -26.21 -8.14
C ILE A 117 22.59 -25.06 -7.61
N ILE A 118 21.36 -25.38 -7.22
CA ILE A 118 20.44 -24.38 -6.64
C ILE A 118 20.95 -23.85 -5.28
N ALA A 119 21.42 -24.74 -4.40
CA ALA A 119 22.01 -24.29 -3.13
C ALA A 119 23.14 -23.26 -3.29
N HIS A 120 24.05 -23.49 -4.23
CA HIS A 120 25.11 -22.57 -4.54
C HIS A 120 24.69 -21.48 -5.46
N SER A 121 23.52 -21.62 -6.07
CA SER A 121 23.03 -20.71 -7.09
C SER A 121 24.03 -20.52 -8.26
N TYR A 122 24.57 -21.62 -8.78
CA TYR A 122 25.49 -21.53 -9.92
C TYR A 122 24.70 -21.31 -11.20
N ASN A 123 24.92 -20.17 -11.86
CA ASN A 123 24.23 -19.88 -13.12
C ASN A 123 24.54 -20.86 -14.24
N THR A 124 25.79 -21.32 -14.30
CA THR A 124 26.22 -22.25 -15.35
C THR A 124 25.46 -23.57 -15.28
N GLY A 125 25.12 -23.99 -14.06
CA GLY A 125 24.29 -25.17 -13.84
C GLY A 125 22.83 -24.91 -14.10
N THR A 126 22.37 -23.72 -13.72
CA THR A 126 20.95 -23.35 -13.84
C THR A 126 20.49 -23.29 -15.29
N VAL A 127 21.33 -22.71 -16.15
CA VAL A 127 20.95 -22.57 -17.57
C VAL A 127 20.79 -23.91 -18.28
N GLN A 128 21.57 -24.91 -17.84
CA GLN A 128 21.40 -26.28 -18.33
C GLN A 128 20.11 -26.93 -17.84
N ILE A 129 19.73 -26.65 -16.59
CA ILE A 129 18.42 -27.08 -16.12
C ILE A 129 17.31 -26.44 -16.96
N GLY A 130 17.44 -25.15 -17.24
CA GLY A 130 16.44 -24.40 -18.00
C GLY A 130 16.33 -24.78 -19.46
N ASP A 131 17.44 -25.23 -20.05
CA ASP A 131 17.47 -25.64 -21.46
C ASP A 131 16.77 -26.97 -21.71
N THR A 132 16.48 -27.72 -20.66
CA THR A 132 15.75 -28.96 -20.83
C THR A 132 14.28 -28.69 -21.13
N VAL A 133 13.87 -27.42 -21.09
CA VAL A 133 12.46 -27.08 -21.32
C VAL A 133 12.32 -25.87 -22.28
N SER A 134 11.27 -25.83 -23.09
CA SER A 134 11.14 -24.77 -24.09
C SER A 134 10.77 -23.44 -23.46
N ASP A 135 11.01 -22.37 -24.20
CA ASP A 135 10.72 -21.01 -23.73
C ASP A 135 9.23 -20.78 -23.49
N SER A 136 8.39 -21.31 -24.36
CA SER A 136 6.95 -21.13 -24.21
C SER A 136 6.47 -21.81 -22.96
N VAL A 137 7.01 -22.98 -22.67
CA VAL A 137 6.68 -23.72 -21.44
C VAL A 137 7.11 -22.97 -20.16
N ARG A 138 8.36 -22.50 -20.14
CA ARG A 138 8.85 -21.71 -19.01
C ARG A 138 7.99 -20.47 -18.82
N TYR A 139 7.69 -19.78 -19.92
CA TYR A 139 6.90 -18.55 -19.88
C TYR A 139 5.51 -18.80 -19.29
N GLU A 140 4.90 -19.90 -19.72
CA GLU A 140 3.64 -20.38 -19.18
C GLU A 140 3.70 -20.60 -17.67
N TYR A 141 4.75 -21.25 -17.17
CA TYR A 141 4.95 -21.43 -15.74
C TYR A 141 5.15 -20.10 -15.02
N MET A 142 5.79 -19.14 -15.68
CA MET A 142 5.96 -17.82 -15.12
C MET A 142 4.61 -17.14 -14.89
N GLN A 143 3.71 -17.27 -15.84
CA GLN A 143 2.35 -16.74 -15.72
C GLN A 143 1.55 -17.45 -14.65
N LYS A 144 1.64 -18.78 -14.62
CA LYS A 144 0.94 -19.58 -13.61
C LYS A 144 1.42 -19.18 -12.21
N PHE A 145 2.70 -18.84 -12.10
CA PHE A 145 3.28 -18.40 -10.83
C PHE A 145 2.90 -16.96 -10.47
N GLY A 146 2.24 -16.27 -11.40
CA GLY A 146 1.64 -14.98 -11.14
C GLY A 146 2.40 -13.78 -11.64
N TRP A 147 3.48 -14.01 -12.38
CA TRP A 147 4.27 -12.91 -12.93
C TRP A 147 3.55 -12.21 -14.04
N GLY A 148 3.83 -10.91 -14.18
CA GLY A 148 3.20 -10.09 -15.20
C GLY A 148 1.75 -9.73 -14.93
N ALA A 149 1.18 -10.19 -13.82
CA ALA A 149 -0.20 -9.90 -13.49
C ALA A 149 -0.31 -9.36 -12.06
N LYS A 150 -1.23 -8.41 -11.84
CA LYS A 150 -1.57 -7.99 -10.47
C LYS A 150 -1.99 -9.20 -9.65
N THR A 151 -1.62 -9.25 -8.37
CA THR A 151 -2.11 -10.35 -7.52
C THR A 151 -3.56 -10.18 -7.15
N GLY A 152 -4.11 -8.98 -7.34
CA GLY A 152 -5.50 -8.69 -7.01
C GLY A 152 -5.80 -8.37 -5.55
N ILE A 153 -4.76 -8.14 -4.76
CA ILE A 153 -4.92 -7.73 -3.38
C ILE A 153 -5.70 -6.40 -3.31
N THR A 154 -6.56 -6.24 -2.31
CA THR A 154 -7.37 -5.03 -2.21
C THR A 154 -6.61 -3.87 -1.55
N LEU A 155 -5.57 -3.42 -2.24
CA LEU A 155 -4.80 -2.24 -1.88
C LEU A 155 -4.70 -1.41 -3.13
N PRO A 156 -4.51 -0.09 -3.01
CA PRO A 156 -4.39 0.69 -4.23
C PRO A 156 -3.02 0.61 -4.89
N SER A 157 -2.95 0.98 -6.17
CA SER A 157 -1.68 1.17 -6.89
C SER A 157 -0.82 -0.07 -7.13
N GLU A 158 -1.41 -1.26 -7.08
CA GLU A 158 -0.67 -2.46 -7.40
C GLU A 158 -0.17 -2.46 -8.84
N GLU A 159 1.09 -2.82 -9.01
CA GLU A 159 1.69 -2.93 -10.31
C GLU A 159 1.61 -4.37 -10.79
N SER A 160 1.53 -4.56 -12.11
CA SER A 160 1.45 -5.90 -12.67
C SER A 160 2.84 -6.51 -12.94
N GLY A 161 3.87 -5.66 -12.98
CA GLY A 161 5.21 -6.09 -13.33
C GLY A 161 5.38 -6.27 -14.83
N ILE A 162 6.57 -6.66 -15.26
CA ILE A 162 6.85 -6.77 -16.69
C ILE A 162 7.30 -8.18 -17.03
N LEU A 163 6.45 -8.89 -17.74
CA LEU A 163 6.78 -10.18 -18.29
C LEU A 163 6.54 -10.11 -19.78
N ARG A 164 7.59 -9.86 -20.56
CA ARG A 164 7.47 -9.76 -22.03
C ARG A 164 7.12 -11.12 -22.62
N PRO A 165 6.26 -11.14 -23.66
CA PRO A 165 5.93 -12.39 -24.33
C PRO A 165 7.21 -13.08 -24.83
N HIS A 166 7.28 -14.40 -24.68
CA HIS A 166 8.51 -15.13 -24.99
C HIS A 166 8.88 -15.00 -26.43
N THR A 167 7.88 -14.71 -27.27
CA THR A 167 8.10 -14.42 -28.67
C THR A 167 9.00 -13.21 -28.87
N GLU A 168 9.21 -12.42 -27.82
CA GLU A 168 10.07 -11.24 -27.90
C GLU A 168 11.46 -11.50 -27.35
N TRP A 169 11.68 -12.68 -26.78
CA TRP A 169 12.96 -12.97 -26.15
C TRP A 169 14.01 -13.26 -27.17
N GLY A 170 15.12 -12.54 -27.10
CA GLY A 170 16.28 -12.83 -27.96
C GLY A 170 17.17 -13.88 -27.33
N ASP A 171 18.42 -13.97 -27.79
CA ASP A 171 19.39 -14.97 -27.33
C ASP A 171 19.84 -14.75 -25.87
N ARG A 172 20.02 -13.48 -25.50
CA ARG A 172 20.33 -13.08 -24.13
C ARG A 172 19.16 -13.43 -23.23
N ASP A 173 17.96 -12.97 -23.60
CA ASP A 173 16.76 -13.16 -22.80
C ASP A 173 16.48 -14.61 -22.51
N HIS A 174 16.78 -15.47 -23.48
CA HIS A 174 16.53 -16.89 -23.35
C HIS A 174 17.09 -17.38 -22.05
N TYR A 175 18.29 -16.91 -21.73
CA TYR A 175 19.01 -17.33 -20.54
C TYR A 175 18.76 -16.45 -19.31
N THR A 176 18.75 -15.13 -19.49
CA THR A 176 18.61 -14.26 -18.31
C THR A 176 17.29 -14.44 -17.61
N THR A 177 16.23 -14.66 -18.36
CA THR A 177 14.92 -14.96 -17.79
C THR A 177 14.86 -16.24 -16.94
N MET A 178 15.91 -17.06 -17.02
CA MET A 178 15.98 -18.28 -16.22
C MET A 178 16.40 -17.96 -14.79
N PHE A 179 17.16 -16.89 -14.63
CA PHE A 179 17.61 -16.47 -13.31
C PHE A 179 17.11 -15.09 -12.93
N GLY A 180 15.84 -14.81 -13.23
CA GLY A 180 15.17 -13.60 -12.76
C GLY A 180 15.68 -12.27 -13.29
N GLN A 181 16.27 -12.28 -14.48
CA GLN A 181 16.67 -11.04 -15.10
C GLN A 181 15.95 -10.88 -16.43
N GLY A 182 15.63 -9.66 -16.80
CA GLY A 182 14.80 -9.42 -17.97
C GLY A 182 13.31 -9.62 -17.70
N VAL A 183 12.96 -9.76 -16.42
CA VAL A 183 11.56 -9.71 -15.96
C VAL A 183 11.52 -8.71 -14.79
N ALA A 184 10.35 -8.15 -14.50
CA ALA A 184 10.19 -7.27 -13.35
C ALA A 184 9.00 -7.71 -12.50
N VAL A 185 9.24 -7.86 -11.20
CA VAL A 185 8.20 -8.30 -10.24
C VAL A 185 8.04 -7.29 -9.10
N THR A 186 6.96 -7.44 -8.34
CA THR A 186 6.76 -6.75 -7.06
C THR A 186 7.07 -7.71 -5.93
N THR A 187 7.27 -7.17 -4.74
CA THR A 187 7.55 -7.98 -3.56
C THR A 187 6.42 -8.97 -3.23
N ILE A 188 5.18 -8.53 -3.42
CA ILE A 188 3.99 -9.33 -3.15
C ILE A 188 3.88 -10.52 -4.14
N GLN A 189 4.29 -10.27 -5.39
CA GLN A 189 4.37 -11.32 -6.41
C GLN A 189 5.42 -12.34 -5.99
N LEU A 190 6.54 -11.88 -5.43
CA LEU A 190 7.55 -12.81 -4.92
C LEU A 190 7.06 -13.70 -3.78
N ALA A 191 6.23 -13.14 -2.90
CA ALA A 191 5.77 -13.89 -1.74
C ALA A 191 4.71 -14.90 -2.14
N GLN A 192 3.83 -14.47 -3.02
CA GLN A 192 2.76 -15.29 -3.56
C GLN A 192 3.33 -16.52 -4.29
N MET A 193 4.42 -16.29 -5.02
CA MET A 193 5.14 -17.29 -5.78
C MET A 193 5.82 -18.34 -4.92
N VAL A 194 6.58 -17.91 -3.90
CA VAL A 194 7.29 -18.87 -3.04
C VAL A 194 6.35 -19.68 -2.20
N ALA A 195 5.21 -19.09 -1.84
CA ALA A 195 4.18 -19.76 -1.07
C ALA A 195 3.64 -21.03 -1.75
N VAL A 196 3.64 -21.05 -3.09
CA VAL A 196 3.22 -22.21 -3.90
C VAL A 196 3.92 -23.49 -3.41
N PHE A 197 5.20 -23.40 -3.08
CA PHE A 197 5.98 -24.58 -2.69
C PHE A 197 5.67 -25.12 -1.29
N GLY A 198 4.93 -24.32 -0.51
CA GLY A 198 4.46 -24.75 0.80
C GLY A 198 2.98 -25.04 0.75
N GLN A 199 2.39 -24.93 -0.43
CA GLN A 199 0.95 -25.10 -0.60
C GLN A 199 0.62 -26.22 -1.59
N LYS A 200 1.49 -27.22 -1.64
CA LYS A 200 1.32 -28.41 -2.51
C LYS A 200 1.13 -28.03 -3.98
N GLY A 201 1.85 -26.98 -4.42
CA GLY A 201 1.81 -26.52 -5.82
C GLY A 201 0.68 -25.57 -6.15
N VAL A 202 -0.11 -25.17 -5.15
CA VAL A 202 -1.26 -24.31 -5.36
C VAL A 202 -0.88 -22.87 -5.08
N LEU A 203 -1.27 -21.97 -5.97
CA LEU A 203 -1.16 -20.54 -5.73
C LEU A 203 -2.48 -20.04 -5.15
N ILE A 204 -2.41 -19.32 -4.03
CA ILE A 204 -3.57 -18.78 -3.35
C ILE A 204 -3.45 -17.26 -3.39
N PRO A 205 -4.42 -16.59 -4.04
CA PRO A 205 -4.27 -15.13 -4.18
C PRO A 205 -4.24 -14.44 -2.81
N PRO A 206 -3.29 -13.50 -2.61
CA PRO A 206 -3.12 -12.87 -1.29
C PRO A 206 -4.30 -11.95 -0.91
N ARG A 207 -4.57 -11.88 0.37
CA ARG A 207 -5.70 -11.13 0.92
C ARG A 207 -5.22 -10.29 2.09
N ILE A 208 -5.64 -9.02 2.14
CA ILE A 208 -5.45 -8.18 3.34
C ILE A 208 -6.71 -8.01 4.19
N ILE A 209 -7.84 -8.43 3.65
CA ILE A 209 -9.11 -8.27 4.30
C ILE A 209 -9.59 -9.66 4.56
N ASP A 210 -9.78 -9.98 5.84
CA ASP A 210 -10.44 -11.20 6.24
C ASP A 210 -11.91 -11.18 5.78
N GLY A 211 -12.74 -12.00 6.39
CA GLY A 211 -14.16 -11.83 6.20
C GLY A 211 -14.62 -10.65 7.04
N TYR A 212 -15.93 -10.49 7.09
CA TYR A 212 -16.56 -9.68 8.09
C TYR A 212 -17.52 -10.65 8.76
N ASP A 213 -18.06 -10.26 9.92
CA ASP A 213 -19.01 -11.11 10.65
C ASP A 213 -20.27 -11.41 9.83
N ASP A 214 -20.69 -10.44 9.01
CA ASP A 214 -21.88 -10.55 8.15
C ASP A 214 -23.18 -10.83 8.89
N GLU A 215 -23.17 -10.55 10.19
CA GLU A 215 -24.34 -10.73 11.01
C GLU A 215 -25.39 -9.65 10.76
N ASN A 216 -24.94 -8.43 10.63
CA ASN A 216 -25.77 -7.28 10.27
C ASN A 216 -25.17 -6.63 9.04
N GLY A 217 -25.57 -7.04 7.90
CA GLY A 217 -24.98 -6.49 6.72
C GLY A 217 -23.95 -7.45 6.23
N VAL A 218 -24.16 -7.95 5.03
CA VAL A 218 -23.21 -8.82 4.40
C VAL A 218 -22.20 -8.01 3.63
N TYR A 219 -21.03 -7.90 4.19
CA TYR A 219 -20.01 -7.07 3.57
C TYR A 219 -18.82 -7.81 2.94
N THR A 220 -18.62 -9.08 3.28
CA THR A 220 -17.55 -9.83 2.63
C THR A 220 -17.87 -10.11 1.15
N PRO A 221 -16.92 -9.83 0.25
CA PRO A 221 -17.07 -9.96 -1.20
C PRO A 221 -17.77 -11.22 -1.63
N THR A 222 -18.68 -11.10 -2.60
CA THR A 222 -19.22 -12.24 -3.29
C THR A 222 -18.05 -12.84 -4.09
N VAL A 223 -17.95 -14.16 -4.06
CA VAL A 223 -16.99 -14.93 -4.88
C VAL A 223 -15.50 -14.54 -4.79
N MET A 224 -15.11 -13.52 -5.54
CA MET A 224 -13.74 -13.37 -6.10
C MET A 224 -12.54 -13.87 -5.28
N GLY A 225 -11.51 -14.30 -5.99
CA GLY A 225 -10.43 -15.08 -5.44
C GLY A 225 -9.97 -16.14 -6.45
N GLU A 226 -9.99 -17.39 -6.07
CA GLU A 226 -9.57 -18.53 -6.93
C GLU A 226 -8.11 -18.92 -7.05
N SER A 227 -7.77 -19.98 -6.44
CA SER A 227 -6.45 -20.43 -6.50
C SER A 227 -6.27 -21.42 -7.65
N ARG A 228 -5.05 -21.71 -8.03
CA ARG A 228 -4.79 -22.57 -9.13
C ARG A 228 -3.64 -23.47 -8.82
N GLN A 229 -3.66 -24.65 -9.41
CA GLN A 229 -2.55 -25.57 -9.31
C GLN A 229 -1.54 -25.11 -10.33
N VAL A 230 -0.37 -24.74 -9.85
CA VAL A 230 0.67 -24.22 -10.70
C VAL A 230 1.57 -25.39 -11.11
N VAL A 231 1.81 -26.26 -10.15
CA VAL A 231 2.82 -27.31 -10.20
C VAL A 231 2.19 -28.47 -9.43
N SER A 232 2.65 -29.71 -9.67
CA SER A 232 2.09 -30.84 -8.93
C SER A 232 2.53 -30.83 -7.48
N GLU A 233 1.87 -31.63 -6.66
CA GLU A 233 2.21 -31.77 -5.25
C GLU A 233 3.62 -32.31 -5.07
N ASP A 234 4.03 -33.22 -5.96
CA ASP A 234 5.36 -33.81 -5.86
C ASP A 234 6.42 -32.82 -6.27
N THR A 235 6.14 -32.02 -7.29
CA THR A 235 7.07 -30.97 -7.72
C THR A 235 7.28 -29.96 -6.60
N ALA A 236 6.18 -29.56 -5.94
CA ALA A 236 6.23 -28.64 -4.82
C ALA A 236 7.09 -29.16 -3.68
N GLN A 237 6.83 -30.39 -3.23
CA GLN A 237 7.65 -31.04 -2.21
C GLN A 237 9.13 -31.09 -2.56
N THR A 238 9.43 -31.41 -3.81
CA THR A 238 10.81 -31.52 -4.30
C THR A 238 11.55 -30.20 -4.26
N VAL A 239 10.93 -29.14 -4.78
CA VAL A 239 11.50 -27.79 -4.70
C VAL A 239 11.70 -27.38 -3.23
N LEU A 240 10.68 -27.66 -2.40
CA LEU A 240 10.76 -27.40 -0.97
C LEU A 240 11.95 -28.13 -0.32
N ASN A 241 12.21 -29.37 -0.73
CA ASN A 241 13.39 -30.09 -0.25
C ASN A 241 14.68 -29.42 -0.72
N ILE A 242 14.69 -29.01 -1.98
CA ILE A 242 15.89 -28.42 -2.60
C ILE A 242 16.21 -27.10 -1.93
N MET A 243 15.16 -26.34 -1.60
CA MET A 243 15.31 -25.03 -0.95
C MET A 243 15.95 -25.10 0.44
N GLN A 244 15.84 -26.25 1.10
CA GLN A 244 16.52 -26.47 2.38
C GLN A 244 18.03 -26.59 2.28
N GLY A 245 18.59 -26.60 1.07
CA GLY A 245 20.02 -26.54 0.87
C GLY A 245 20.64 -25.14 1.10
N ALA A 246 19.79 -24.12 1.10
CA ALA A 246 20.23 -22.72 1.25
C ALA A 246 21.07 -22.45 2.49
N THR A 247 20.66 -22.99 3.64
CA THR A 247 21.43 -22.78 4.87
C THR A 247 22.40 -23.93 5.18
N GLN A 248 22.44 -24.95 4.32
CA GLN A 248 23.43 -26.03 4.47
C GLN A 248 24.82 -25.48 4.14
N PRO A 249 25.90 -26.13 4.63
CA PRO A 249 27.24 -25.63 4.27
C PRO A 249 27.47 -25.49 2.75
N GLY A 250 27.97 -24.34 2.34
CA GLY A 250 28.10 -24.03 0.92
C GLY A 250 26.85 -23.40 0.30
N GLY A 251 25.71 -23.52 0.98
CA GLY A 251 24.48 -22.86 0.51
C GLY A 251 24.65 -21.36 0.59
N THR A 252 24.02 -20.62 -0.32
CA THR A 252 24.19 -19.15 -0.37
C THR A 252 23.76 -18.45 0.91
N ALA A 253 22.91 -19.10 1.71
CA ALA A 253 22.33 -18.46 2.87
C ALA A 253 22.89 -19.01 4.17
N GLU A 254 24.01 -19.71 4.08
CA GLU A 254 24.63 -20.36 5.23
C GLU A 254 24.96 -19.35 6.33
N GLY A 255 24.56 -19.68 7.55
CA GLY A 255 24.81 -18.83 8.70
C GLY A 255 23.86 -17.64 8.77
N ILE A 256 23.94 -16.77 7.77
CA ILE A 256 23.20 -15.53 7.73
C ILE A 256 21.66 -15.67 7.56
N GLY A 257 21.20 -16.74 6.94
CA GLY A 257 19.76 -16.94 6.75
C GLY A 257 19.13 -17.93 7.72
N ALA A 258 19.92 -18.42 8.66
CA ALA A 258 19.49 -19.45 9.58
C ALA A 258 18.65 -18.88 10.70
N VAL A 259 17.58 -19.59 11.05
CA VAL A 259 16.69 -19.20 12.14
C VAL A 259 16.78 -20.30 13.19
N LYS A 260 17.46 -19.98 14.28
CA LYS A 260 17.83 -20.95 15.32
C LYS A 260 16.67 -21.86 15.73
N GLY A 261 16.82 -23.16 15.50
CA GLY A 261 15.85 -24.13 15.95
C GLY A 261 14.76 -24.45 14.96
N TYR A 262 14.72 -23.74 13.83
CA TYR A 262 13.71 -24.00 12.76
C TYR A 262 14.36 -24.30 11.42
N ASN A 263 13.85 -25.30 10.71
CA ASN A 263 14.33 -25.57 9.37
C ASN A 263 13.86 -24.50 8.41
N VAL A 264 14.81 -23.88 7.69
CA VAL A 264 14.50 -22.87 6.70
C VAL A 264 14.64 -23.36 5.25
N ALA A 265 13.67 -23.01 4.41
CA ALA A 265 13.74 -23.23 2.98
C ALA A 265 13.84 -21.85 2.33
N ALA A 266 14.87 -21.62 1.52
CA ALA A 266 15.11 -20.26 1.03
C ALA A 266 15.81 -20.22 -0.33
N LYS A 267 15.68 -19.09 -0.99
CA LYS A 267 16.48 -18.77 -2.17
C LYS A 267 16.91 -17.30 -2.10
N THR A 268 18.18 -17.05 -2.41
CA THR A 268 18.73 -15.70 -2.47
C THR A 268 18.73 -15.22 -3.91
N GLY A 269 18.83 -13.90 -4.08
CA GLY A 269 19.03 -13.31 -5.39
C GLY A 269 19.77 -12.00 -5.29
N THR A 270 20.51 -11.69 -6.35
CA THR A 270 21.21 -10.43 -6.52
C THR A 270 21.10 -10.06 -7.99
N ALA A 271 20.37 -9.02 -8.31
CA ALA A 271 20.12 -8.70 -9.72
C ALA A 271 20.48 -7.26 -10.01
N GLU A 272 21.17 -7.07 -11.13
CA GLU A 272 21.41 -5.74 -11.64
C GLU A 272 20.10 -5.12 -12.08
N ASN A 273 19.95 -3.84 -11.75
CA ASN A 273 18.80 -3.08 -12.15
C ASN A 273 19.28 -1.79 -12.79
N VAL A 274 18.44 -1.22 -13.65
CA VAL A 274 18.78 -0.01 -14.40
C VAL A 274 18.66 1.23 -13.50
N GLY A 275 19.71 2.03 -13.48
CA GLY A 275 19.73 3.24 -12.67
C GLY A 275 19.18 4.46 -13.39
N SER A 276 19.16 5.60 -12.70
CA SER A 276 18.68 6.86 -13.27
C SER A 276 19.45 7.24 -14.52
N SER A 277 20.73 6.88 -14.54
CA SER A 277 21.63 7.10 -15.67
C SER A 277 21.27 6.30 -16.92
N GLY A 278 20.39 5.31 -16.79
CA GLY A 278 19.99 4.46 -17.91
C GLY A 278 20.85 3.22 -18.13
N SER A 279 21.81 2.99 -17.23
CA SER A 279 22.65 1.78 -17.31
C SER A 279 22.42 0.89 -16.09
N LEU A 280 22.99 -0.32 -16.12
CA LEU A 280 22.87 -1.26 -15.01
C LEU A 280 23.80 -0.89 -13.85
N THR A 281 23.49 0.22 -13.20
CA THR A 281 24.29 0.69 -12.08
C THR A 281 23.76 0.18 -10.73
N ASP A 282 22.51 -0.24 -10.70
CA ASP A 282 21.84 -0.61 -9.45
C ASP A 282 21.78 -2.12 -9.20
N THR A 283 21.48 -2.52 -7.96
CA THR A 283 21.18 -3.92 -7.63
C THR A 283 20.02 -4.04 -6.66
N ALA A 284 19.20 -5.07 -6.85
CA ALA A 284 18.21 -5.48 -5.85
C ALA A 284 18.67 -6.77 -5.22
N ALA A 285 18.63 -6.82 -3.89
CA ALA A 285 19.00 -8.03 -3.16
C ALA A 285 17.74 -8.65 -2.62
N THR A 286 17.44 -9.87 -3.07
CA THR A 286 16.17 -10.52 -2.77
C THR A 286 16.33 -11.80 -1.94
N PHE A 287 15.30 -12.14 -1.18
CA PHE A 287 15.30 -13.33 -0.36
C PHE A 287 13.87 -13.82 -0.27
N THR A 288 13.61 -15.06 -0.68
CA THR A 288 12.27 -15.66 -0.58
C THR A 288 12.39 -16.91 0.28
N ALA A 289 11.53 -17.05 1.29
CA ALA A 289 11.69 -18.13 2.25
C ALA A 289 10.40 -18.75 2.75
N LEU A 290 10.52 -19.97 3.27
CA LEU A 290 9.40 -20.74 3.79
C LEU A 290 9.87 -21.34 5.10
N ILE A 291 9.05 -21.27 6.14
CA ILE A 291 9.47 -21.74 7.47
C ILE A 291 8.24 -22.12 8.33
N PRO A 292 8.35 -23.22 9.11
CA PRO A 292 9.42 -24.23 9.14
C PRO A 292 9.39 -25.10 7.89
N ALA A 293 10.54 -25.42 7.32
CA ALA A 293 10.58 -26.08 6.01
C ALA A 293 9.83 -27.40 5.99
N GLU A 294 9.93 -28.19 7.06
CA GLU A 294 9.20 -29.46 7.14
C GLU A 294 7.67 -29.29 7.07
N ASN A 295 7.16 -28.11 7.38
CA ASN A 295 5.71 -27.86 7.37
C ASN A 295 5.40 -26.36 7.41
N PRO A 296 5.65 -25.64 6.29
CA PRO A 296 5.70 -24.18 6.26
C PRO A 296 4.45 -23.47 6.79
N LYS A 297 4.67 -22.41 7.55
CA LYS A 297 3.56 -21.67 8.10
C LYS A 297 3.50 -20.30 7.49
N ILE A 298 4.65 -19.77 7.11
CA ILE A 298 4.70 -18.47 6.47
C ILE A 298 5.64 -18.48 5.28
N ALA A 299 5.30 -17.66 4.29
CA ALA A 299 6.16 -17.33 3.19
C ALA A 299 6.63 -15.89 3.35
N VAL A 300 7.92 -15.63 3.18
CA VAL A 300 8.49 -14.28 3.30
C VAL A 300 9.28 -13.92 2.05
N ALA A 301 9.08 -12.71 1.52
CA ALA A 301 9.95 -12.17 0.50
C ALA A 301 10.47 -10.83 0.97
N VAL A 302 11.76 -10.60 0.76
CA VAL A 302 12.42 -9.34 1.12
C VAL A 302 13.19 -8.86 -0.08
N VAL A 303 13.12 -7.56 -0.36
CA VAL A 303 14.01 -6.91 -1.31
C VAL A 303 14.63 -5.68 -0.67
N ILE A 304 15.94 -5.53 -0.83
CA ILE A 304 16.62 -4.26 -0.59
C ILE A 304 17.22 -3.75 -1.90
N TYR A 305 16.97 -2.49 -2.23
CA TYR A 305 17.44 -1.92 -3.48
C TYR A 305 18.56 -0.90 -3.21
N LYS A 306 19.65 -0.98 -3.98
CA LYS A 306 20.77 -0.07 -3.84
C LYS A 306 21.17 0.54 -5.17
N GLU A 307 21.23 1.87 -5.18
CA GLU A 307 21.70 2.63 -6.31
C GLU A 307 23.20 2.69 -6.29
N ASN A 308 23.81 2.53 -7.46
CA ASN A 308 25.27 2.64 -7.61
C ASN A 308 26.02 1.77 -6.63
N GLY A 309 25.66 0.49 -6.60
CA GLY A 309 26.28 -0.43 -5.67
C GLY A 309 25.72 -1.82 -5.75
N THR A 310 26.36 -2.74 -5.00
CA THR A 310 25.98 -4.12 -4.96
C THR A 310 25.55 -4.49 -3.56
N VAL A 311 24.33 -4.97 -3.46
CA VAL A 311 23.86 -5.68 -2.27
C VAL A 311 23.51 -7.12 -2.63
N TYR A 312 23.82 -8.05 -1.75
CA TYR A 312 23.54 -9.46 -2.00
C TYR A 312 22.35 -9.93 -1.22
N GLY A 313 21.52 -10.78 -1.83
CA GLY A 313 20.37 -11.34 -1.14
C GLY A 313 20.67 -11.90 0.23
N SER A 314 21.80 -12.58 0.39
CA SER A 314 22.15 -13.19 1.65
C SER A 314 22.61 -12.18 2.71
N THR A 315 23.52 -11.28 2.35
CA THR A 315 24.05 -10.32 3.34
C THR A 315 23.15 -9.11 3.61
N ALA A 316 22.38 -8.68 2.62
CA ALA A 316 21.43 -7.59 2.80
C ALA A 316 20.08 -8.06 3.33
N SER A 317 19.44 -8.99 2.62
CA SER A 317 18.04 -9.31 2.87
C SER A 317 17.75 -10.45 3.84
N ALA A 318 18.65 -11.43 3.95
CA ALA A 318 18.40 -12.58 4.82
C ALA A 318 18.21 -12.23 6.31
N PRO A 319 19.00 -11.26 6.85
CA PRO A 319 18.87 -10.83 8.25
C PRO A 319 17.50 -10.26 8.58
N VAL A 320 16.85 -9.61 7.61
CA VAL A 320 15.49 -9.13 7.76
C VAL A 320 14.54 -10.31 7.89
N PHE A 321 14.73 -11.32 7.03
CA PHE A 321 13.91 -12.54 7.11
C PHE A 321 14.08 -13.18 8.48
N VAL A 322 15.33 -13.29 8.91
CA VAL A 322 15.61 -13.93 10.18
C VAL A 322 14.88 -13.25 11.36
N ASP A 323 14.97 -11.92 11.44
CA ASP A 323 14.31 -11.16 12.50
C ASP A 323 12.81 -11.36 12.48
N ILE A 324 12.24 -11.32 11.28
CA ILE A 324 10.81 -11.55 11.10
C ILE A 324 10.41 -12.98 11.49
N ALA A 325 11.12 -13.97 10.97
CA ALA A 325 10.81 -15.39 11.20
C ALA A 325 10.96 -15.76 12.66
N GLN A 326 12.01 -15.26 13.30
CA GLN A 326 12.21 -15.53 14.73
C GLN A 326 11.01 -15.06 15.56
N PHE A 327 10.49 -13.87 15.29
CA PHE A 327 9.33 -13.38 16.02
C PHE A 327 8.07 -14.18 15.69
N ALA A 328 7.80 -14.34 14.40
CA ALA A 328 6.66 -15.11 13.91
C ALA A 328 6.55 -16.53 14.50
N MET A 329 7.66 -17.22 14.68
CA MET A 329 7.58 -18.55 15.27
C MET A 329 7.08 -18.53 16.73
N ARG A 330 7.59 -17.59 17.52
CA ARG A 330 7.09 -17.35 18.89
C ARG A 330 5.64 -16.91 18.87
N GLU A 331 5.37 -15.90 18.06
CA GLU A 331 4.06 -15.28 18.01
C GLU A 331 3.01 -16.31 17.64
N MET A 332 3.34 -17.20 16.71
CA MET A 332 2.41 -18.22 16.23
C MET A 332 2.50 -19.51 17.04
N LYS A 333 3.43 -19.55 17.99
CA LYS A 333 3.59 -20.68 18.91
C LYS A 333 3.93 -21.99 18.18
N ILE A 334 4.86 -21.89 17.24
CA ILE A 334 5.34 -23.04 16.49
C ILE A 334 6.55 -23.60 17.20
N PRO A 335 6.50 -24.89 17.59
CA PRO A 335 7.61 -25.49 18.32
C PRO A 335 8.82 -25.62 17.41
N PRO A 336 10.04 -25.71 17.98
CA PRO A 336 11.19 -25.90 17.10
C PRO A 336 11.13 -27.19 16.29
N SER A 337 11.91 -27.26 15.22
CA SER A 337 11.87 -28.39 14.29
C SER A 337 12.32 -29.68 14.94
N THR A 338 11.52 -30.73 14.79
CA THR A 338 11.90 -32.03 15.34
C THR A 338 12.52 -32.96 14.30
N VAL A 339 12.47 -32.56 13.03
CA VAL A 339 13.11 -33.35 11.99
C VAL A 339 14.32 -32.63 11.38
N PRO A 340 15.28 -33.39 10.79
CA PRO A 340 16.46 -32.74 10.23
C PRO A 340 16.13 -31.86 9.02
N LEU A 341 17.03 -30.91 8.74
CA LEU A 341 16.96 -30.11 7.55
C LEU A 341 17.23 -31.05 6.38
N TYR A 342 16.32 -31.09 5.42
CA TYR A 342 16.50 -31.95 4.23
C TYR A 342 17.81 -31.70 3.50
N LYS A 343 18.45 -32.80 3.10
CA LYS A 343 19.69 -32.76 2.33
C LYS A 343 19.63 -33.74 1.18
N TYR A 344 19.90 -33.27 -0.04
CA TYR A 344 20.15 -34.15 -1.17
C TYR A 344 21.66 -34.30 -1.27
N PRO A 345 22.13 -35.40 -1.88
CA PRO A 345 23.54 -35.45 -2.27
C PRO A 345 23.83 -34.30 -3.23
N TRP A 346 25.01 -33.69 -3.10
CA TRP A 346 25.44 -32.69 -4.08
C TRP A 346 26.60 -33.21 -4.88
N GLN B 5 -34.00 12.87 27.21
CA GLN B 5 -32.97 12.52 28.23
C GLN B 5 -31.52 12.70 27.76
N ASP B 6 -31.14 12.15 26.61
CA ASP B 6 -29.77 12.34 26.10
C ASP B 6 -29.73 13.52 25.14
N PRO B 7 -29.05 14.60 25.55
CA PRO B 7 -29.03 15.84 24.75
C PRO B 7 -28.07 15.81 23.57
N LEU B 8 -27.20 14.80 23.52
CA LEU B 8 -26.16 14.77 22.49
C LEU B 8 -26.60 14.12 21.20
N THR B 9 -25.94 14.50 20.11
CA THR B 9 -26.18 13.99 18.78
C THR B 9 -25.47 12.65 18.51
N ILE B 10 -24.46 12.35 19.33
CA ILE B 10 -23.65 11.14 19.19
C ILE B 10 -24.51 9.87 19.13
N ASN B 11 -24.23 9.02 18.15
CA ASN B 11 -24.79 7.69 18.11
C ASN B 11 -23.85 6.73 18.85
N ALA B 12 -24.32 6.20 19.97
CA ALA B 12 -23.48 5.46 20.91
C ALA B 12 -22.82 4.22 20.27
N ASP B 13 -23.60 3.49 19.49
CA ASP B 13 -23.13 2.30 18.79
C ASP B 13 -22.07 2.66 17.78
N LEU B 14 -22.32 3.68 16.98
CA LEU B 14 -21.37 4.15 15.98
C LEU B 14 -20.11 4.71 16.63
N GLN B 15 -20.28 5.42 17.74
CA GLN B 15 -19.17 5.97 18.50
C GLN B 15 -18.21 4.86 18.92
N ARG B 16 -18.78 3.74 19.35
CA ARG B 16 -18.02 2.56 19.77
C ARG B 16 -17.19 2.02 18.61
N VAL B 17 -17.85 1.89 17.45
CA VAL B 17 -17.22 1.38 16.24
C VAL B 17 -16.08 2.29 15.83
N ALA B 18 -16.35 3.58 15.82
CA ALA B 18 -15.33 4.57 15.46
C ALA B 18 -14.14 4.46 16.39
N GLU B 19 -14.41 4.30 17.67
CA GLU B 19 -13.35 4.15 18.68
C GLU B 19 -12.51 2.90 18.47
N GLU B 20 -13.17 1.75 18.30
CA GLU B 20 -12.49 0.46 18.19
C GLU B 20 -11.65 0.38 16.94
N SER B 21 -12.22 0.83 15.82
CA SER B 21 -11.53 0.72 14.56
C SER B 21 -10.39 1.73 14.45
N LEU B 22 -10.60 2.91 15.02
CA LEU B 22 -9.51 3.88 15.09
C LEU B 22 -8.35 3.32 15.91
N ASN B 23 -8.68 2.61 17.00
CA ASN B 23 -7.69 1.96 17.84
C ASN B 23 -6.91 0.90 17.11
N ALA B 24 -7.63 0.04 16.40
CA ALA B 24 -7.03 -1.06 15.65
C ALA B 24 -6.09 -0.50 14.61
N ALA B 25 -6.53 0.54 13.91
CA ALA B 25 -5.73 1.19 12.86
C ALA B 25 -4.45 1.86 13.37
N VAL B 26 -4.53 2.55 14.52
CA VAL B 26 -3.35 3.16 15.13
C VAL B 26 -2.29 2.08 15.44
N LYS B 27 -2.73 0.95 15.99
CA LYS B 27 -1.79 -0.13 16.33
C LYS B 27 -1.25 -0.82 15.08
N ARG B 28 -2.16 -1.13 14.16
CA ARG B 28 -1.83 -1.79 12.90
CA ARG B 28 -1.83 -1.77 12.90
C ARG B 28 -0.63 -1.13 12.21
N VAL B 29 -0.64 0.20 12.14
CA VAL B 29 0.38 0.95 11.40
C VAL B 29 1.43 1.56 12.28
N GLY B 30 1.40 1.25 13.57
CA GLY B 30 2.36 1.81 14.52
C GLY B 30 2.31 3.32 14.66
N GLY B 31 1.11 3.89 14.71
CA GLY B 31 0.96 5.32 14.98
C GLY B 31 0.96 5.65 16.47
N VAL B 32 0.98 6.94 16.80
CA VAL B 32 0.82 7.38 18.21
C VAL B 32 -0.65 7.57 18.50
N TRP B 33 -1.31 8.36 17.67
CA TRP B 33 -2.71 8.68 17.88
C TRP B 33 -3.44 8.82 16.56
N GLY B 34 -4.76 8.79 16.64
CA GLY B 34 -5.60 9.13 15.51
C GLY B 34 -6.88 9.82 15.96
N SER B 35 -7.67 10.27 15.00
CA SER B 35 -8.95 10.88 15.27
C SER B 35 -9.94 10.63 14.13
N ALA B 36 -11.23 10.67 14.46
CA ALA B 36 -12.29 10.45 13.49
C ALA B 36 -13.51 11.31 13.82
N ALA B 37 -14.13 11.90 12.79
CA ALA B 37 -15.33 12.72 12.95
C ALA B 37 -16.37 12.33 11.91
N VAL B 38 -17.58 12.04 12.38
CA VAL B 38 -18.69 11.73 11.49
C VAL B 38 -19.82 12.74 11.60
N LEU B 39 -20.04 13.50 10.53
CA LEU B 39 -21.13 14.45 10.46
C LEU B 39 -22.26 13.92 9.63
N GLU B 40 -23.47 14.13 10.10
CA GLU B 40 -24.66 13.85 9.32
C GLU B 40 -24.87 14.97 8.32
N ILE B 41 -25.00 14.58 7.06
CA ILE B 41 -25.13 15.52 5.95
C ILE B 41 -26.42 16.33 6.08
N GLY B 42 -26.32 17.65 5.94
CA GLY B 42 -27.49 18.48 5.90
C GLY B 42 -27.91 19.03 7.26
N THR B 43 -27.38 18.48 8.34
CA THR B 43 -27.83 18.90 9.67
C THR B 43 -26.67 19.39 10.54
N GLY B 44 -25.47 18.96 10.19
CA GLY B 44 -24.31 19.33 10.97
C GLY B 44 -24.24 18.60 12.29
N ARG B 45 -25.10 17.60 12.50
CA ARG B 45 -25.05 16.82 13.72
C ARG B 45 -23.86 15.83 13.73
N LEU B 46 -23.21 15.71 14.89
CA LEU B 46 -22.07 14.83 15.03
C LEU B 46 -22.52 13.49 15.51
N LEU B 47 -22.44 12.50 14.64
CA LEU B 47 -22.84 11.14 14.97
C LEU B 47 -21.76 10.36 15.76
N ALA B 48 -20.49 10.66 15.46
CA ALA B 48 -19.39 10.07 16.19
C ALA B 48 -18.22 11.03 16.21
N LEU B 49 -17.44 10.96 17.27
CA LEU B 49 -16.27 11.79 17.44
C LEU B 49 -15.30 11.03 18.35
N ALA B 50 -14.16 10.64 17.80
CA ALA B 50 -13.23 9.75 18.46
C ALA B 50 -11.86 10.35 18.32
N PRO B 51 -10.93 10.00 19.23
CA PRO B 51 -11.02 8.97 20.27
C PRO B 51 -11.90 9.29 21.49
N GLY B 52 -12.21 10.57 21.72
CA GLY B 52 -12.84 10.92 22.98
C GLY B 52 -11.82 11.63 23.85
N GLY B 53 -12.29 12.65 24.55
CA GLY B 53 -11.38 13.71 24.96
C GLY B 53 -11.49 14.74 23.85
N THR B 54 -10.50 15.59 23.73
CA THR B 54 -10.66 16.76 22.87
C THR B 54 -9.77 16.72 21.64
N ARG B 55 -9.11 15.58 21.42
CA ARG B 55 -8.15 15.43 20.33
C ARG B 55 -8.72 15.79 18.96
N SER B 56 -9.94 15.35 18.66
CA SER B 56 -10.58 15.60 17.38
C SER B 56 -10.85 17.08 17.14
N VAL B 57 -10.75 17.85 18.22
CA VAL B 57 -11.10 19.25 18.27
C VAL B 57 -9.87 20.14 18.56
N SER B 58 -8.88 19.60 19.26
CA SER B 58 -7.69 20.36 19.69
C SER B 58 -6.37 20.06 18.96
N ALA B 59 -6.24 18.85 18.42
CA ALA B 59 -5.00 18.47 17.70
C ALA B 59 -4.97 19.10 16.33
N ILE B 60 -3.91 19.86 16.06
CA ILE B 60 -3.73 20.45 14.75
C ILE B 60 -2.59 19.72 14.03
N TYR B 61 -2.67 19.68 12.71
CA TYR B 61 -1.69 19.02 11.86
C TYR B 61 -1.86 19.53 10.45
N GLU B 62 -0.83 19.39 9.61
CA GLU B 62 -0.99 19.63 8.18
C GLU B 62 -1.63 18.38 7.60
N PRO B 63 -2.75 18.54 6.86
CA PRO B 63 -3.57 17.38 6.50
C PRO B 63 -3.21 16.72 5.16
N GLY B 64 -2.37 17.35 4.36
CA GLY B 64 -2.00 16.78 3.09
C GLY B 64 -3.11 16.92 2.09
N SER B 65 -3.12 15.99 1.15
CA SER B 65 -3.82 16.16 -0.12
C SER B 65 -5.33 16.19 -0.05
N VAL B 66 -5.87 15.93 1.13
CA VAL B 66 -7.27 16.17 1.36
C VAL B 66 -7.55 17.66 1.09
N GLY B 67 -6.55 18.52 1.36
CA GLY B 67 -6.65 19.96 1.08
C GLY B 67 -6.76 20.33 -0.40
N LYS B 68 -6.43 19.39 -1.29
CA LYS B 68 -6.61 19.58 -2.73
C LYS B 68 -8.06 19.82 -3.11
N LEU B 69 -8.99 19.39 -2.26
CA LEU B 69 -10.40 19.62 -2.51
C LEU B 69 -10.76 21.10 -2.47
N VAL B 70 -10.04 21.86 -1.64
CA VAL B 70 -10.23 23.32 -1.56
C VAL B 70 -9.70 23.96 -2.85
N THR B 71 -8.46 23.62 -3.21
CA THR B 71 -7.84 24.06 -4.46
C THR B 71 -8.73 23.77 -5.65
N LEU B 72 -9.10 22.50 -5.84
CA LEU B 72 -9.98 22.06 -6.92
C LEU B 72 -11.30 22.83 -6.96
N ALA B 73 -11.96 22.94 -5.80
CA ALA B 73 -13.25 23.60 -5.70
C ALA B 73 -13.17 25.07 -6.14
N ALA B 74 -12.08 25.73 -5.75
CA ALA B 74 -11.78 27.11 -6.12
C ALA B 74 -11.64 27.29 -7.63
N ALA B 75 -10.89 26.42 -8.29
CA ALA B 75 -10.73 26.46 -9.75
C ALA B 75 -12.02 26.16 -10.50
N ILE B 76 -12.75 25.13 -10.07
CA ILE B 76 -14.05 24.84 -10.65
C ILE B 76 -15.05 25.98 -10.42
N ASP B 77 -15.02 26.56 -9.22
CA ASP B 77 -15.96 27.64 -8.88
C ASP B 77 -15.67 28.92 -9.68
N GLN B 78 -14.39 29.22 -9.85
CA GLN B 78 -13.98 30.40 -10.61
C GLN B 78 -13.99 30.15 -12.11
N LYS B 79 -14.57 29.01 -12.50
CA LYS B 79 -14.72 28.60 -13.91
C LYS B 79 -13.42 28.64 -14.73
N LYS B 80 -12.32 28.33 -14.05
CA LYS B 80 -10.99 28.36 -14.65
C LYS B 80 -10.62 26.99 -15.18
N VAL B 81 -11.38 25.98 -14.76
CA VAL B 81 -11.09 24.59 -15.04
C VAL B 81 -12.39 23.78 -15.03
N THR B 82 -12.42 22.69 -15.77
CA THR B 82 -13.52 21.73 -15.71
C THR B 82 -12.94 20.35 -15.41
N PRO B 83 -13.79 19.38 -15.00
CA PRO B 83 -13.29 18.03 -14.73
C PRO B 83 -12.42 17.47 -15.85
N THR B 84 -12.71 17.87 -17.10
CA THR B 84 -12.07 17.30 -18.28
C THR B 84 -10.97 18.17 -18.88
N SER B 85 -10.75 19.37 -18.31
CA SER B 85 -9.54 20.13 -18.61
C SER B 85 -8.36 19.20 -18.43
N THR B 86 -7.32 19.37 -19.25
CA THR B 86 -6.14 18.49 -19.15
C THR B 86 -4.87 19.23 -18.75
N PHE B 87 -3.97 18.49 -18.13
CA PHE B 87 -2.67 19.03 -17.73
C PHE B 87 -1.61 17.94 -17.86
N THR B 88 -0.40 18.34 -18.24
CA THR B 88 0.72 17.43 -18.28
C THR B 88 1.15 17.03 -16.87
N VAL B 89 1.00 15.74 -16.61
CA VAL B 89 1.36 15.19 -15.33
C VAL B 89 2.70 14.46 -15.49
N SER B 90 3.59 14.62 -14.52
CA SER B 90 4.92 14.05 -14.66
C SER B 90 5.60 13.75 -13.32
N SER B 91 6.75 13.10 -13.37
CA SER B 91 7.51 12.74 -12.17
C SER B 91 7.79 13.95 -11.31
N THR B 92 8.47 14.94 -11.88
CA THR B 92 8.71 16.21 -11.22
C THR B 92 8.31 17.30 -12.19
N ARG B 93 8.24 18.53 -11.68
CA ARG B 93 7.90 19.66 -12.52
C ARG B 93 8.51 20.91 -11.93
N ASP B 94 9.11 21.72 -12.78
CA ASP B 94 9.78 22.94 -12.35
C ASP B 94 8.91 24.13 -12.69
N MET B 95 8.59 24.92 -11.67
CA MET B 95 7.60 25.99 -11.77
C MET B 95 8.24 27.31 -12.14
N PRO B 96 7.46 28.21 -12.77
CA PRO B 96 7.94 29.55 -13.10
C PRO B 96 8.65 30.23 -11.93
N ASN B 97 8.16 30.02 -10.71
CA ASN B 97 8.76 30.65 -9.52
C ASN B 97 10.01 29.94 -9.00
N GLY B 98 10.43 28.90 -9.71
CA GLY B 98 11.66 28.17 -9.39
C GLY B 98 11.50 27.01 -8.43
N GLU B 99 10.24 26.65 -8.17
CA GLU B 99 9.93 25.54 -7.28
C GLU B 99 9.86 24.23 -8.05
N ARG B 100 10.49 23.19 -7.50
CA ARG B 100 10.34 21.84 -8.01
C ARG B 100 9.24 21.13 -7.24
N ILE B 101 8.16 20.81 -7.95
CA ILE B 101 7.07 20.02 -7.40
C ILE B 101 7.28 18.61 -7.94
N SER B 102 7.04 17.60 -7.12
CA SER B 102 7.13 16.23 -7.60
C SER B 102 6.08 15.30 -7.00
N ASP B 103 5.80 14.22 -7.72
CA ASP B 103 4.79 13.26 -7.27
C ASP B 103 5.38 12.23 -6.28
N ASP B 104 4.53 11.38 -5.71
CA ASP B 104 4.94 10.45 -4.65
C ASP B 104 5.95 9.42 -5.14
N SER B 105 5.88 9.12 -6.43
CA SER B 105 6.83 8.23 -7.09
C SER B 105 6.91 8.56 -8.58
N PRO B 106 8.08 8.28 -9.20
CA PRO B 106 8.25 8.48 -10.65
C PRO B 106 7.22 7.68 -11.46
N HIS B 107 6.76 8.28 -12.55
CA HIS B 107 5.78 7.65 -13.45
C HIS B 107 5.88 8.33 -14.78
N GLU B 108 5.39 7.68 -15.84
CA GLU B 108 5.49 8.22 -17.19
C GLU B 108 4.70 9.51 -17.34
N THR B 109 5.27 10.46 -18.06
CA THR B 109 4.65 11.75 -18.24
C THR B 109 3.51 11.63 -19.24
N GLN B 110 2.36 12.23 -18.93
CA GLN B 110 1.23 12.20 -19.85
C GLN B 110 0.26 13.35 -19.61
N ASP B 111 -0.69 13.49 -20.52
CA ASP B 111 -1.78 14.45 -20.35
C ASP B 111 -2.94 13.77 -19.67
N MET B 112 -3.45 14.40 -18.63
CA MET B 112 -4.49 13.79 -17.83
C MET B 112 -5.52 14.82 -17.48
N THR B 113 -6.78 14.42 -17.41
CA THR B 113 -7.82 15.35 -16.98
C THR B 113 -7.65 15.71 -15.49
N VAL B 114 -8.24 16.85 -15.13
CA VAL B 114 -8.46 17.25 -13.75
C VAL B 114 -9.05 16.10 -12.91
N ALA B 115 -10.08 15.43 -13.44
CA ALA B 115 -10.64 14.26 -12.77
C ALA B 115 -9.59 13.21 -12.42
N GLY B 116 -8.70 12.91 -13.36
CA GLY B 116 -7.67 11.90 -13.15
C GLY B 116 -6.56 12.33 -12.22
N ILE B 117 -6.21 13.62 -12.28
CA ILE B 117 -5.15 14.19 -11.47
C ILE B 117 -5.51 14.02 -9.99
N ILE B 118 -6.76 14.36 -9.65
CA ILE B 118 -7.31 14.22 -8.30
C ILE B 118 -7.45 12.76 -7.85
N ALA B 119 -7.96 11.87 -8.71
CA ALA B 119 -8.05 10.45 -8.35
C ALA B 119 -6.68 9.78 -8.10
N HIS B 120 -5.67 10.19 -8.85
CA HIS B 120 -4.31 9.72 -8.66
C HIS B 120 -3.57 10.47 -7.62
N SER B 121 -4.10 11.66 -7.28
CA SER B 121 -3.47 12.60 -6.36
C SER B 121 -2.07 13.02 -6.84
N TYR B 122 -2.01 13.48 -8.09
CA TYR B 122 -0.76 13.91 -8.70
C TYR B 122 -0.51 15.38 -8.41
N ASN B 123 0.57 15.65 -7.69
CA ASN B 123 0.93 17.01 -7.29
C ASN B 123 1.32 17.92 -8.45
N THR B 124 2.06 17.37 -9.41
CA THR B 124 2.52 18.13 -10.57
C THR B 124 1.31 18.62 -11.36
N GLY B 125 0.22 17.86 -11.27
CA GLY B 125 -1.04 18.23 -11.90
C GLY B 125 -1.83 19.24 -11.09
N THR B 126 -2.00 19.01 -9.79
CA THR B 126 -2.86 19.89 -9.00
C THR B 126 -2.23 21.26 -8.88
N VAL B 127 -0.92 21.27 -8.75
CA VAL B 127 -0.18 22.52 -8.76
C VAL B 127 -0.55 23.41 -9.96
N GLN B 128 -0.84 22.82 -11.11
CA GLN B 128 -1.23 23.59 -12.28
C GLN B 128 -2.69 24.01 -12.24
N ILE B 129 -3.53 23.22 -11.57
CA ILE B 129 -4.93 23.57 -11.35
C ILE B 129 -5.01 24.78 -10.41
N GLY B 130 -4.19 24.77 -9.36
CA GLY B 130 -4.08 25.88 -8.42
C GLY B 130 -3.65 27.18 -9.08
N ASP B 131 -2.66 27.11 -9.97
CA ASP B 131 -2.13 28.28 -10.67
C ASP B 131 -3.10 29.01 -11.61
N THR B 132 -4.27 28.42 -11.88
CA THR B 132 -5.26 29.12 -12.68
C THR B 132 -6.06 30.12 -11.84
N VAL B 133 -5.69 30.26 -10.58
CA VAL B 133 -6.40 31.13 -9.63
C VAL B 133 -5.34 31.92 -8.82
N SER B 134 -5.72 33.08 -8.28
CA SER B 134 -4.79 33.89 -7.47
C SER B 134 -4.76 33.41 -6.03
N ASP B 135 -3.70 33.76 -5.31
CA ASP B 135 -3.56 33.33 -3.92
C ASP B 135 -4.61 33.96 -3.01
N SER B 136 -5.02 35.18 -3.35
CA SER B 136 -6.04 35.87 -2.59
C SER B 136 -7.41 35.22 -2.79
N VAL B 137 -7.70 34.75 -4.02
CA VAL B 137 -8.93 34.01 -4.27
C VAL B 137 -8.91 32.65 -3.57
N ARG B 138 -7.81 31.91 -3.71
CA ARG B 138 -7.60 30.65 -3.00
C ARG B 138 -7.71 30.81 -1.50
N TYR B 139 -7.02 31.80 -0.95
CA TYR B 139 -7.09 32.10 0.49
C TYR B 139 -8.53 32.34 0.94
N GLU B 140 -9.29 33.05 0.12
CA GLU B 140 -10.68 33.34 0.45
C GLU B 140 -11.54 32.08 0.55
N TYR B 141 -11.30 31.13 -0.35
CA TYR B 141 -11.99 29.84 -0.28
C TYR B 141 -11.58 29.02 0.94
N MET B 142 -10.30 29.06 1.28
CA MET B 142 -9.81 28.38 2.47
C MET B 142 -10.52 28.86 3.72
N GLN B 143 -10.73 30.17 3.82
CA GLN B 143 -11.45 30.75 4.95
C GLN B 143 -12.89 30.27 4.98
N LYS B 144 -13.55 30.34 3.83
CA LYS B 144 -14.94 29.97 3.70
C LYS B 144 -15.19 28.51 4.02
N PHE B 145 -14.20 27.67 3.73
CA PHE B 145 -14.30 26.25 4.04
C PHE B 145 -14.11 26.01 5.53
N GLY B 146 -13.71 27.05 6.25
CA GLY B 146 -13.66 27.01 7.71
C GLY B 146 -12.27 26.89 8.27
N TRP B 147 -11.27 26.95 7.39
CA TRP B 147 -9.88 26.83 7.81
C TRP B 147 -9.40 28.05 8.56
N GLY B 148 -8.61 27.83 9.59
CA GLY B 148 -8.11 28.94 10.40
C GLY B 148 -9.10 29.50 11.40
N ALA B 149 -10.29 28.90 11.50
CA ALA B 149 -11.32 29.36 12.45
C ALA B 149 -11.91 28.19 13.24
N LYS B 150 -12.32 28.42 14.48
CA LYS B 150 -13.00 27.39 15.25
C LYS B 150 -14.33 27.10 14.60
N THR B 151 -14.83 25.87 14.77
CA THR B 151 -16.10 25.46 14.16
C THR B 151 -17.27 25.98 14.96
N GLY B 152 -17.03 26.18 16.26
CA GLY B 152 -18.03 26.73 17.14
C GLY B 152 -18.66 25.67 18.00
N ILE B 153 -18.24 24.43 17.82
CA ILE B 153 -18.88 23.31 18.49
C ILE B 153 -18.78 23.46 20.02
N THR B 154 -19.81 23.00 20.74
CA THR B 154 -19.84 23.16 22.18
C THR B 154 -19.02 22.09 22.90
N LEU B 155 -17.71 22.22 22.74
CA LEU B 155 -16.75 21.33 23.38
C LEU B 155 -15.58 22.17 23.87
N PRO B 156 -14.95 21.74 24.97
CA PRO B 156 -13.83 22.54 25.47
C PRO B 156 -12.58 22.39 24.58
N SER B 157 -11.76 23.45 24.54
CA SER B 157 -10.37 23.39 24.03
C SER B 157 -10.20 23.34 22.51
N GLU B 158 -11.22 23.77 21.77
CA GLU B 158 -11.15 23.75 20.31
C GLU B 158 -10.11 24.74 19.78
N GLU B 159 -9.28 24.28 18.86
CA GLU B 159 -8.28 25.10 18.21
C GLU B 159 -8.82 25.67 16.92
N SER B 160 -8.29 26.82 16.53
CA SER B 160 -8.73 27.45 15.29
C SER B 160 -7.95 26.88 14.11
N GLY B 161 -6.85 26.20 14.40
CA GLY B 161 -5.93 25.75 13.36
C GLY B 161 -5.02 26.88 12.94
N ILE B 162 -4.31 26.69 11.83
CA ILE B 162 -3.36 27.69 11.34
C ILE B 162 -3.53 27.92 9.86
N LEU B 163 -3.91 29.14 9.52
CA LEU B 163 -4.01 29.58 8.14
C LEU B 163 -3.35 30.95 8.03
N ARG B 164 -2.08 30.96 7.68
CA ARG B 164 -1.33 32.19 7.50
C ARG B 164 -1.91 32.89 6.29
N PRO B 165 -2.15 34.21 6.41
CA PRO B 165 -2.63 35.05 5.29
C PRO B 165 -1.69 34.97 4.10
N HIS B 166 -2.26 34.96 2.91
CA HIS B 166 -1.52 34.67 1.69
C HIS B 166 -0.38 35.59 1.41
N THR B 167 -0.52 36.85 1.85
CA THR B 167 0.53 37.86 1.72
C THR B 167 1.79 37.46 2.48
N GLU B 168 1.70 36.35 3.20
CA GLU B 168 2.76 35.87 4.06
C GLU B 168 3.40 34.60 3.48
N TRP B 169 2.95 34.20 2.29
CA TRP B 169 3.42 32.94 1.67
C TRP B 169 4.65 33.14 0.83
N GLY B 170 5.66 32.30 1.06
CA GLY B 170 6.85 32.28 0.20
C GLY B 170 6.56 31.73 -1.19
N ASP B 171 7.61 31.43 -1.93
CA ASP B 171 7.49 30.79 -3.24
C ASP B 171 7.08 29.34 -3.07
N ARG B 172 7.61 28.74 -2.01
CA ARG B 172 7.34 27.38 -1.61
C ARG B 172 5.90 27.23 -1.10
N ASP B 173 5.45 28.18 -0.27
CA ASP B 173 4.11 28.14 0.31
C ASP B 173 2.99 28.29 -0.72
N HIS B 174 3.25 29.09 -1.76
CA HIS B 174 2.32 29.30 -2.85
C HIS B 174 1.77 27.98 -3.36
N TYR B 175 2.66 26.99 -3.49
CA TYR B 175 2.26 25.66 -3.98
C TYR B 175 1.84 24.68 -2.91
N THR B 176 2.60 24.58 -1.82
CA THR B 176 2.30 23.61 -0.76
C THR B 176 0.90 23.79 -0.19
N THR B 177 0.40 25.02 -0.15
CA THR B 177 -0.96 25.27 0.32
C THR B 177 -2.02 24.71 -0.61
N MET B 178 -1.64 24.37 -1.85
CA MET B 178 -2.54 23.71 -2.80
C MET B 178 -2.81 22.25 -2.47
N PHE B 179 -1.85 21.60 -1.82
CA PHE B 179 -2.03 20.23 -1.37
C PHE B 179 -1.86 20.05 0.12
N GLY B 180 -2.36 21.01 0.88
CA GLY B 180 -2.57 20.86 2.33
C GLY B 180 -1.31 20.82 3.18
N GLN B 181 -0.29 21.54 2.77
CA GLN B 181 0.86 21.72 3.63
C GLN B 181 1.09 23.21 3.80
N GLY B 182 1.83 23.57 4.86
CA GLY B 182 1.92 24.97 5.26
C GLY B 182 0.59 25.54 5.75
N VAL B 183 -0.35 24.65 6.10
CA VAL B 183 -1.59 25.01 6.81
C VAL B 183 -1.80 23.96 7.86
N ALA B 184 -2.48 24.29 8.95
CA ALA B 184 -2.77 23.28 9.97
C ALA B 184 -4.26 23.29 10.31
N VAL B 185 -4.81 22.09 10.52
CA VAL B 185 -6.25 21.91 10.71
C VAL B 185 -6.56 20.96 11.86
N THR B 186 -7.81 20.93 12.28
CA THR B 186 -8.30 19.90 13.21
C THR B 186 -9.14 18.87 12.43
N THR B 187 -9.39 17.72 13.04
CA THR B 187 -10.20 16.71 12.37
C THR B 187 -11.61 17.22 12.11
N ILE B 188 -12.17 17.94 13.07
CA ILE B 188 -13.51 18.54 12.96
C ILE B 188 -13.61 19.51 11.77
N GLN B 189 -12.57 20.33 11.55
CA GLN B 189 -12.50 21.19 10.37
C GLN B 189 -12.52 20.40 9.06
N LEU B 190 -11.83 19.27 9.00
CA LEU B 190 -11.84 18.43 7.79
C LEU B 190 -13.23 17.87 7.49
N ALA B 191 -13.90 17.37 8.53
CA ALA B 191 -15.24 16.81 8.39
C ALA B 191 -16.21 17.87 7.89
N GLN B 192 -16.09 19.08 8.44
CA GLN B 192 -16.95 20.18 8.10
C GLN B 192 -16.70 20.61 6.67
N MET B 193 -15.43 20.65 6.28
CA MET B 193 -15.04 20.97 4.92
C MET B 193 -15.62 20.01 3.87
N VAL B 194 -15.50 18.73 4.10
CA VAL B 194 -15.91 17.76 3.12
C VAL B 194 -17.43 17.69 2.98
N ALA B 195 -18.12 17.96 4.05
CA ALA B 195 -19.59 17.94 4.09
C ALA B 195 -20.18 18.89 3.08
N VAL B 196 -19.49 19.99 2.82
CA VAL B 196 -19.89 20.99 1.82
C VAL B 196 -20.24 20.37 0.47
N PHE B 197 -19.44 19.40 0.03
CA PHE B 197 -19.65 18.79 -1.28
C PHE B 197 -20.88 17.88 -1.32
N GLY B 198 -21.38 17.49 -0.14
CA GLY B 198 -22.65 16.77 -0.04
C GLY B 198 -23.85 17.64 0.34
N GLN B 199 -23.63 18.95 0.51
CA GLN B 199 -24.68 19.88 0.97
C GLN B 199 -24.91 21.04 0.00
N LYS B 200 -24.71 20.76 -1.28
CA LYS B 200 -24.87 21.74 -2.35
C LYS B 200 -24.06 23.01 -2.11
N GLY B 201 -22.85 22.84 -1.59
CA GLY B 201 -21.91 23.94 -1.51
C GLY B 201 -22.02 24.73 -0.22
N VAL B 202 -22.84 24.25 0.71
CA VAL B 202 -23.11 24.95 1.96
C VAL B 202 -22.33 24.33 3.12
N LEU B 203 -21.65 25.17 3.88
CA LEU B 203 -21.02 24.75 5.12
C LEU B 203 -21.98 24.92 6.27
N ILE B 204 -22.23 23.85 7.01
CA ILE B 204 -23.15 23.88 8.14
C ILE B 204 -22.34 23.66 9.42
N PRO B 205 -22.38 24.64 10.34
CA PRO B 205 -21.71 24.52 11.64
C PRO B 205 -22.08 23.22 12.36
N PRO B 206 -21.06 22.45 12.79
CA PRO B 206 -21.25 21.19 13.52
C PRO B 206 -21.86 21.39 14.92
N ARG B 207 -22.78 20.51 15.30
CA ARG B 207 -23.43 20.52 16.62
C ARG B 207 -23.13 19.20 17.26
N ILE B 208 -22.83 19.21 18.55
CA ILE B 208 -22.84 17.99 19.33
C ILE B 208 -24.04 17.92 20.29
N ILE B 209 -24.77 19.02 20.39
CA ILE B 209 -25.95 19.09 21.24
C ILE B 209 -27.18 19.32 20.38
N ASP B 210 -28.17 18.47 20.56
CA ASP B 210 -29.44 18.63 19.84
C ASP B 210 -30.27 19.71 20.52
N GLY B 211 -30.48 19.53 21.83
CA GLY B 211 -31.13 20.52 22.64
C GLY B 211 -31.37 19.95 24.00
N TYR B 212 -32.14 20.67 24.80
CA TYR B 212 -32.41 20.27 26.17
C TYR B 212 -33.89 20.21 26.48
N ASP B 213 -34.27 19.19 27.24
CA ASP B 213 -35.60 19.08 27.83
C ASP B 213 -35.64 19.90 29.10
N ASP B 214 -36.77 20.55 29.35
CA ASP B 214 -36.98 21.30 30.58
C ASP B 214 -37.52 20.42 31.71
N GLU B 215 -37.74 21.04 32.86
CA GLU B 215 -38.35 20.43 34.06
C GLU B 215 -39.59 19.58 33.76
N ASN B 216 -40.42 20.05 32.82
CA ASN B 216 -41.63 19.35 32.43
C ASN B 216 -41.48 18.51 31.16
N GLY B 217 -40.22 18.30 30.75
CA GLY B 217 -39.89 17.44 29.63
C GLY B 217 -40.21 18.04 28.27
N VAL B 218 -40.08 19.36 28.15
CA VAL B 218 -40.28 20.05 26.87
C VAL B 218 -38.93 20.41 26.25
N TYR B 219 -38.70 19.87 25.06
CA TYR B 219 -37.43 19.96 24.38
C TYR B 219 -37.27 21.31 23.69
N THR B 220 -36.10 21.91 23.82
CA THR B 220 -35.75 23.09 23.06
C THR B 220 -34.52 22.78 22.23
N PRO B 221 -34.66 22.84 20.89
CA PRO B 221 -33.52 22.66 20.00
C PRO B 221 -32.49 23.76 20.21
N THR B 222 -31.21 23.43 20.13
CA THR B 222 -30.18 24.46 20.30
C THR B 222 -30.15 25.39 19.09
N VAL B 223 -29.87 26.66 19.36
CA VAL B 223 -29.91 27.72 18.37
C VAL B 223 -28.65 27.62 17.53
N MET B 224 -28.86 27.25 16.26
CA MET B 224 -27.78 27.06 15.29
C MET B 224 -27.21 28.37 14.78
N GLY B 225 -25.89 28.45 14.72
CA GLY B 225 -25.19 29.47 13.94
C GLY B 225 -25.55 29.34 12.47
N GLU B 226 -25.39 30.44 11.74
CA GLU B 226 -25.72 30.49 10.32
C GLU B 226 -24.77 29.63 9.49
N SER B 227 -25.33 28.84 8.59
CA SER B 227 -24.52 28.14 7.59
C SER B 227 -24.18 29.09 6.44
N ARG B 228 -23.21 28.72 5.61
CA ARG B 228 -22.77 29.63 4.56
C ARG B 228 -22.53 28.98 3.21
N GLN B 229 -22.83 29.74 2.15
CA GLN B 229 -22.56 29.32 0.78
C GLN B 229 -21.08 29.53 0.51
N VAL B 230 -20.36 28.41 0.41
CA VAL B 230 -18.93 28.42 0.16
C VAL B 230 -18.69 28.41 -1.36
N VAL B 231 -19.53 27.66 -2.06
CA VAL B 231 -19.28 27.22 -3.42
C VAL B 231 -20.65 26.99 -4.08
N SER B 232 -20.75 27.16 -5.38
CA SER B 232 -22.03 26.96 -6.05
C SER B 232 -22.49 25.50 -5.95
N GLU B 233 -23.80 25.29 -6.06
CA GLU B 233 -24.33 23.94 -6.02
C GLU B 233 -23.71 23.01 -7.09
N ASP B 234 -23.47 23.56 -8.27
CA ASP B 234 -22.85 22.82 -9.38
C ASP B 234 -21.41 22.45 -9.10
N THR B 235 -20.65 23.40 -8.57
CA THR B 235 -19.27 23.16 -8.18
C THR B 235 -19.24 22.01 -7.19
N ALA B 236 -20.18 21.99 -6.25
CA ALA B 236 -20.21 20.96 -5.22
C ALA B 236 -20.47 19.59 -5.83
N GLN B 237 -21.42 19.54 -6.78
CA GLN B 237 -21.78 18.31 -7.47
C GLN B 237 -20.64 17.79 -8.35
N THR B 238 -19.93 18.70 -9.00
CA THR B 238 -18.75 18.34 -9.78
C THR B 238 -17.65 17.68 -8.94
N VAL B 239 -17.26 18.35 -7.85
CA VAL B 239 -16.29 17.81 -6.90
C VAL B 239 -16.74 16.45 -6.36
N LEU B 240 -18.02 16.35 -5.98
CA LEU B 240 -18.62 15.10 -5.56
C LEU B 240 -18.53 13.98 -6.62
N ASN B 241 -18.66 14.35 -7.90
CA ASN B 241 -18.46 13.42 -9.02
C ASN B 241 -16.99 13.02 -9.13
N ILE B 242 -16.10 14.00 -8.97
CA ILE B 242 -14.66 13.77 -9.10
C ILE B 242 -14.13 12.89 -7.98
N MET B 243 -14.67 13.06 -6.78
CA MET B 243 -14.20 12.33 -5.61
C MET B 243 -14.53 10.85 -5.73
N GLN B 244 -15.53 10.53 -6.55
CA GLN B 244 -15.89 9.14 -6.80
C GLN B 244 -14.84 8.37 -7.62
N GLY B 245 -13.83 9.08 -8.12
CA GLY B 245 -12.74 8.46 -8.84
C GLY B 245 -11.76 7.74 -7.93
N ALA B 246 -11.81 8.07 -6.64
CA ALA B 246 -10.81 7.65 -5.67
C ALA B 246 -10.77 6.14 -5.49
N THR B 247 -11.95 5.52 -5.59
CA THR B 247 -12.07 4.07 -5.42
C THR B 247 -12.14 3.35 -6.76
N GLN B 248 -12.05 4.13 -7.85
CA GLN B 248 -11.91 3.55 -9.18
C GLN B 248 -10.51 2.97 -9.36
N PRO B 249 -10.35 2.07 -10.35
CA PRO B 249 -9.07 1.46 -10.62
C PRO B 249 -8.00 2.49 -10.99
N GLY B 250 -6.93 2.54 -10.19
CA GLY B 250 -5.90 3.55 -10.34
C GLY B 250 -6.00 4.68 -9.33
N GLY B 251 -7.16 4.81 -8.68
CA GLY B 251 -7.33 5.83 -7.65
C GLY B 251 -6.59 5.47 -6.37
N THR B 252 -6.18 6.49 -5.62
CA THR B 252 -5.48 6.30 -4.34
C THR B 252 -6.26 5.49 -3.28
N ALA B 253 -7.58 5.37 -3.42
CA ALA B 253 -8.38 4.69 -2.39
C ALA B 253 -8.92 3.33 -2.83
N GLU B 254 -8.46 2.88 -3.99
CA GLU B 254 -8.98 1.68 -4.63
C GLU B 254 -8.90 0.49 -3.71
N GLY B 255 -10.00 -0.24 -3.57
CA GLY B 255 -9.99 -1.45 -2.77
C GLY B 255 -10.06 -1.20 -1.28
N ILE B 256 -9.01 -0.58 -0.74
CA ILE B 256 -8.88 -0.33 0.69
C ILE B 256 -9.98 0.60 1.24
N GLY B 257 -10.56 1.42 0.36
CA GLY B 257 -11.60 2.38 0.76
C GLY B 257 -13.01 2.04 0.30
N ALA B 258 -13.18 0.85 -0.27
CA ALA B 258 -14.47 0.45 -0.80
C ALA B 258 -15.41 -0.04 0.30
N VAL B 259 -16.69 0.32 0.15
CA VAL B 259 -17.74 -0.14 1.07
C VAL B 259 -18.74 -0.90 0.21
N LYS B 260 -18.80 -2.21 0.39
CA LYS B 260 -19.56 -3.08 -0.51
C LYS B 260 -21.02 -2.68 -0.55
N GLY B 261 -21.51 -2.34 -1.75
CA GLY B 261 -22.92 -2.04 -1.96
C GLY B 261 -23.18 -0.56 -2.07
N TYR B 262 -22.15 0.26 -1.83
CA TYR B 262 -22.30 1.71 -1.72
C TYR B 262 -21.23 2.44 -2.47
N ASN B 263 -21.62 3.45 -3.23
CA ASN B 263 -20.67 4.35 -3.90
C ASN B 263 -19.99 5.26 -2.90
N VAL B 264 -18.68 5.37 -2.99
CA VAL B 264 -17.89 6.15 -2.05
C VAL B 264 -17.24 7.33 -2.78
N ALA B 265 -17.42 8.54 -2.24
CA ALA B 265 -16.66 9.71 -2.70
C ALA B 265 -15.60 9.95 -1.66
N ALA B 266 -14.34 10.08 -2.06
CA ALA B 266 -13.26 10.18 -1.07
C ALA B 266 -12.04 10.90 -1.59
N LYS B 267 -11.17 11.31 -0.66
CA LYS B 267 -9.85 11.88 -0.95
C LYS B 267 -8.91 11.44 0.17
N THR B 268 -7.66 11.13 -0.22
CA THR B 268 -6.61 10.69 0.68
C THR B 268 -5.56 11.80 0.86
N GLY B 269 -4.80 11.74 1.94
CA GLY B 269 -3.63 12.58 2.07
C GLY B 269 -2.62 11.90 2.95
N THR B 270 -1.40 12.36 2.81
CA THR B 270 -0.29 11.91 3.55
C THR B 270 0.56 13.16 3.62
N ALA B 271 0.87 13.69 4.81
CA ALA B 271 1.62 14.93 4.88
C ALA B 271 2.74 14.78 5.88
N GLU B 272 3.85 15.45 5.62
CA GLU B 272 4.93 15.53 6.59
C GLU B 272 4.56 16.54 7.65
N ASN B 273 4.91 16.22 8.89
CA ASN B 273 4.58 17.03 10.04
C ASN B 273 5.79 17.16 10.94
N VAL B 274 6.03 18.36 11.48
CA VAL B 274 7.16 18.62 12.38
C VAL B 274 7.02 17.83 13.68
N GLY B 275 8.09 17.12 14.06
CA GLY B 275 8.08 16.30 15.26
C GLY B 275 8.75 16.92 16.49
N SER B 276 9.06 16.07 17.47
CA SER B 276 9.77 16.44 18.70
C SER B 276 11.14 17.02 18.35
N SER B 277 11.71 16.46 17.28
CA SER B 277 13.04 16.81 16.78
C SER B 277 13.12 18.21 16.20
N GLY B 278 11.97 18.83 15.92
CA GLY B 278 11.93 20.12 15.26
C GLY B 278 12.00 20.05 13.75
N SER B 279 12.18 18.85 13.22
CA SER B 279 12.18 18.62 11.78
C SER B 279 11.11 17.60 11.38
N LEU B 280 10.69 17.69 10.11
CA LEU B 280 9.57 16.91 9.55
C LEU B 280 9.83 15.40 9.52
N THR B 281 9.67 14.77 10.67
CA THR B 281 9.95 13.36 10.86
C THR B 281 8.64 12.56 10.97
N ASP B 282 7.53 13.28 11.10
CA ASP B 282 6.22 12.69 11.34
C ASP B 282 5.39 12.74 10.10
N THR B 283 4.38 11.87 10.03
CA THR B 283 3.37 11.99 8.98
C THR B 283 1.98 11.91 9.56
N ALA B 284 1.09 12.71 9.00
CA ALA B 284 -0.34 12.54 9.23
C ALA B 284 -0.98 11.87 8.01
N ALA B 285 -1.67 10.76 8.24
CA ALA B 285 -2.37 10.03 7.19
C ALA B 285 -3.87 10.31 7.27
N THR B 286 -4.40 10.99 6.26
CA THR B 286 -5.74 11.55 6.33
C THR B 286 -6.66 10.98 5.25
N PHE B 287 -7.95 10.95 5.58
CA PHE B 287 -8.97 10.44 4.71
C PHE B 287 -10.28 11.19 4.99
N THR B 288 -10.85 11.80 3.95
CA THR B 288 -12.15 12.45 4.00
C THR B 288 -13.09 11.88 2.95
N ALA B 289 -14.29 11.52 3.37
CA ALA B 289 -15.20 10.79 2.49
C ALA B 289 -16.66 11.13 2.70
N LEU B 290 -17.45 10.86 1.68
CA LEU B 290 -18.90 11.04 1.71
C LEU B 290 -19.53 9.77 1.22
N ILE B 291 -20.63 9.35 1.84
CA ILE B 291 -21.28 8.11 1.45
C ILE B 291 -22.78 8.16 1.80
N PRO B 292 -23.68 7.65 0.90
CA PRO B 292 -23.47 7.15 -0.47
C PRO B 292 -23.23 8.28 -1.42
N ALA B 293 -22.20 8.19 -2.26
CA ALA B 293 -21.76 9.31 -3.10
C ALA B 293 -22.81 9.98 -4.01
N GLU B 294 -23.83 9.23 -4.44
CA GLU B 294 -24.89 9.79 -5.28
C GLU B 294 -25.89 10.59 -4.45
N ASN B 295 -25.93 10.33 -3.14
CA ASN B 295 -26.77 11.05 -2.22
C ASN B 295 -26.21 10.97 -0.78
N PRO B 296 -25.14 11.75 -0.49
CA PRO B 296 -24.40 11.53 0.77
C PRO B 296 -25.27 11.71 2.02
N LYS B 297 -25.15 10.77 2.95
CA LYS B 297 -25.84 10.81 4.24
C LYS B 297 -24.87 11.10 5.40
N ILE B 298 -23.60 10.72 5.25
CA ILE B 298 -22.58 11.08 6.22
C ILE B 298 -21.35 11.65 5.53
N ALA B 299 -20.59 12.46 6.28
CA ALA B 299 -19.27 12.96 5.90
C ALA B 299 -18.31 12.47 6.98
N VAL B 300 -17.15 11.96 6.58
CA VAL B 300 -16.21 11.31 7.53
C VAL B 300 -14.82 11.89 7.31
N ALA B 301 -14.13 12.25 8.37
CA ALA B 301 -12.71 12.57 8.29
C ALA B 301 -11.95 11.71 9.29
N VAL B 302 -10.80 11.18 8.89
CA VAL B 302 -9.97 10.34 9.76
C VAL B 302 -8.55 10.81 9.58
N VAL B 303 -7.79 10.84 10.68
CA VAL B 303 -6.37 11.11 10.63
C VAL B 303 -5.71 10.06 11.49
N ILE B 304 -4.57 9.58 11.03
CA ILE B 304 -3.70 8.76 11.85
C ILE B 304 -2.32 9.42 11.78
N TYR B 305 -1.76 9.66 12.95
CA TYR B 305 -0.51 10.36 13.09
C TYR B 305 0.56 9.37 13.48
N LYS B 306 1.68 9.39 12.78
CA LYS B 306 2.78 8.48 13.07
C LYS B 306 4.01 9.31 13.33
N GLU B 307 4.73 8.94 14.38
CA GLU B 307 5.80 9.79 14.89
C GLU B 307 7.04 9.76 13.99
N ASN B 308 7.84 8.70 14.01
CA ASN B 308 9.09 8.81 13.26
C ASN B 308 9.13 7.88 12.06
N GLY B 309 8.34 8.22 11.05
CA GLY B 309 8.15 7.34 9.93
C GLY B 309 6.96 7.79 9.11
N THR B 310 6.59 6.95 8.16
CA THR B 310 5.57 7.30 7.21
C THR B 310 4.53 6.19 7.06
N VAL B 311 3.29 6.61 6.88
CA VAL B 311 2.24 5.72 6.40
C VAL B 311 1.25 6.59 5.66
N TYR B 312 0.48 5.96 4.78
CA TYR B 312 -0.38 6.66 3.85
C TYR B 312 -1.80 6.78 4.34
N GLY B 313 -2.48 7.85 3.94
CA GLY B 313 -3.91 7.99 4.14
C GLY B 313 -4.71 6.74 3.84
N SER B 314 -4.48 6.16 2.67
CA SER B 314 -5.20 4.95 2.23
C SER B 314 -4.98 3.70 3.10
N THR B 315 -3.74 3.37 3.40
CA THR B 315 -3.46 2.19 4.19
C THR B 315 -3.74 2.38 5.68
N ALA B 316 -3.52 3.59 6.19
CA ALA B 316 -3.77 3.89 7.61
C ALA B 316 -5.26 4.17 7.91
N SER B 317 -5.82 5.16 7.22
CA SER B 317 -7.07 5.81 7.64
C SER B 317 -8.31 5.34 6.88
N ALA B 318 -8.14 4.97 5.62
CA ALA B 318 -9.25 4.41 4.83
C ALA B 318 -9.99 3.27 5.51
N PRO B 319 -9.27 2.29 6.11
CA PRO B 319 -9.99 1.18 6.77
C PRO B 319 -10.86 1.58 7.96
N VAL B 320 -10.55 2.71 8.61
CA VAL B 320 -11.40 3.25 9.69
C VAL B 320 -12.69 3.77 9.07
N PHE B 321 -12.57 4.50 7.96
CA PHE B 321 -13.72 4.93 7.21
C PHE B 321 -14.62 3.75 6.86
N VAL B 322 -14.03 2.68 6.33
CA VAL B 322 -14.79 1.53 5.90
C VAL B 322 -15.58 0.90 7.05
N ASP B 323 -14.94 0.77 8.21
CA ASP B 323 -15.60 0.21 9.39
C ASP B 323 -16.76 1.06 9.87
N ILE B 324 -16.56 2.39 9.82
CA ILE B 324 -17.57 3.36 10.23
C ILE B 324 -18.75 3.35 9.26
N ALA B 325 -18.43 3.44 7.97
CA ALA B 325 -19.41 3.45 6.90
C ALA B 325 -20.24 2.17 6.81
N GLN B 326 -19.61 1.01 6.93
CA GLN B 326 -20.36 -0.24 6.93
C GLN B 326 -21.42 -0.26 8.02
N PHE B 327 -21.03 0.13 9.22
CA PHE B 327 -21.95 0.26 10.33
C PHE B 327 -22.97 1.38 10.12
N ALA B 328 -22.54 2.54 9.64
CA ALA B 328 -23.48 3.66 9.51
C ALA B 328 -24.57 3.37 8.50
N MET B 329 -24.22 2.75 7.38
CA MET B 329 -25.23 2.43 6.34
C MET B 329 -26.36 1.53 6.86
N ARG B 330 -26.00 0.54 7.68
CA ARG B 330 -26.96 -0.34 8.32
C ARG B 330 -27.69 0.34 9.49
N GLU B 331 -26.96 1.10 10.32
CA GLU B 331 -27.57 1.82 11.43
C GLU B 331 -28.61 2.84 10.94
N MET B 332 -28.32 3.51 9.83
CA MET B 332 -29.22 4.49 9.26
C MET B 332 -30.16 3.89 8.22
N LYS B 333 -30.13 2.57 8.07
CA LYS B 333 -31.03 1.83 7.16
C LYS B 333 -31.06 2.39 5.73
N ILE B 334 -29.88 2.71 5.18
CA ILE B 334 -29.77 3.25 3.82
C ILE B 334 -29.64 2.10 2.82
N PRO B 335 -30.52 2.07 1.80
CA PRO B 335 -30.42 1.01 0.77
C PRO B 335 -29.11 1.10 -0.02
N PRO B 336 -28.60 -0.05 -0.49
CA PRO B 336 -27.42 -0.06 -1.35
C PRO B 336 -27.62 0.83 -2.58
N SER B 337 -26.52 1.35 -3.12
CA SER B 337 -26.54 2.13 -4.35
C SER B 337 -27.11 1.34 -5.53
N THR B 338 -27.84 2.02 -6.40
CA THR B 338 -28.45 1.42 -7.58
C THR B 338 -28.07 2.17 -8.86
N VAL B 339 -27.13 3.09 -8.72
CA VAL B 339 -26.59 3.89 -9.81
C VAL B 339 -25.09 3.56 -9.85
N PRO B 340 -24.47 3.61 -11.05
CA PRO B 340 -23.03 3.34 -11.15
C PRO B 340 -22.20 4.40 -10.47
N LEU B 341 -21.02 4.00 -9.97
CA LEU B 341 -20.05 4.97 -9.47
C LEU B 341 -19.72 5.90 -10.62
N TYR B 342 -19.61 7.20 -10.34
CA TYR B 342 -19.40 8.19 -11.38
C TYR B 342 -17.99 8.14 -11.95
N LYS B 343 -17.90 8.26 -13.27
CA LYS B 343 -16.62 8.24 -13.94
C LYS B 343 -16.49 9.37 -14.96
N TYR B 344 -15.43 10.16 -14.81
CA TYR B 344 -14.98 11.05 -15.86
C TYR B 344 -13.80 10.37 -16.58
N PRO B 345 -13.47 10.85 -17.80
CA PRO B 345 -12.26 10.40 -18.47
C PRO B 345 -11.08 10.91 -17.71
N TRP B 346 -10.02 10.11 -17.62
CA TRP B 346 -8.75 10.55 -17.03
C TRP B 346 -7.77 10.77 -18.14
#